data_4AM7
#
_entry.id   4AM7
#
_cell.length_a   137.718
_cell.length_b   89.795
_cell.length_c   149.647
_cell.angle_alpha   90.00
_cell.angle_beta   114.37
_cell.angle_gamma   90.00
#
_symmetry.space_group_name_H-M   'C 1 2 1'
#
loop_
_entity.id
_entity.type
_entity.pdbx_description
1 polymer 'ACTIN-LIKE PROTEIN ARP8'
2 non-polymer "ADENOSINE-5'-DIPHOSPHATE"
#
_entity_poly.entity_id   1
_entity_poly.type   'polypeptide(L)'
_entity_poly.pdbx_seq_one_letter_code
;MGSSHHHHHHSSGLVPRGSHMHSEASAAPLNDEIDLNDPTATIVIHPGSNSIKIGFPKDDHPVVVPNCVAVPKKWLDLEN
SEHVENVCLQREQSEEFNNIKSEMEKNFRERMRYYKRKVPGNAHEQVVSFNENSKPEIISEKNDPSPIEWIFDDSKLYYG
SDALRCVDEKFVIRKPFRGGSFNVKSPYYKSLAELISDVTKLLEHALNSETLNVKPTKFNQYKVVLVIPDIFKKSHVETF
IRVLLTELQFQAVAIIQESLATCYGAGISTSTCVVNIGAAETRIACVDEGTVLEHSAITLDYGGDDITRLFALFLLQSDF
PLQDWKIDSKHGWLLAERLKKNFTTFQDADVAVQLYNFMNRSPNQPTEKYEFKLFDEVMLAPLALFFPQIFKLIRTSSHK
NSSLEFQLPESRDLFTNELNDWNSLSQFESKEGNLYCDLNDDLKILNRILDAHNIIDQLQDKPENYGNTLKENFAPLEKA
IVQSIANASITADVTRMNSFYSNILIVGGSSKIPALDFILTDRINIWRPSLLSSASFPQFYKKLTKEIKDLEGHYVNAPD
KTEDENKQILQAQIKEKIVEELEEQHQNIEHQNGNEHIFPVSIIPPPRDMNPALIIWKGASVLAQIKLVEELFITNSDWD
VHGSRILQYKCIFTY
;
_entity_poly.pdbx_strand_id   A,B
#
# COMPACT_ATOMS: atom_id res chain seq x y z
N GLU A 33 29.35 -17.08 6.94
CA GLU A 33 29.49 -15.85 7.78
C GLU A 33 30.53 -14.93 7.18
N ILE A 34 31.79 -15.34 7.33
CA ILE A 34 32.99 -14.50 7.13
C ILE A 34 33.13 -13.89 5.71
N ASP A 35 33.71 -12.68 5.64
CA ASP A 35 33.65 -11.81 4.44
C ASP A 35 34.97 -11.60 3.69
N LEU A 36 35.52 -12.66 3.12
CA LEU A 36 36.68 -12.57 2.23
C LEU A 36 36.17 -12.21 0.83
N ASN A 37 37.08 -11.84 -0.07
CA ASN A 37 36.73 -11.72 -1.49
C ASN A 37 37.26 -12.88 -2.36
N ASP A 38 36.29 -13.76 -2.61
CA ASP A 38 36.47 -15.05 -3.18
C ASP A 38 35.18 -15.34 -3.95
N PRO A 39 35.30 -15.59 -5.27
CA PRO A 39 34.26 -15.89 -6.26
C PRO A 39 33.28 -17.02 -5.93
N THR A 40 33.63 -17.87 -4.97
CA THR A 40 32.74 -18.92 -4.55
C THR A 40 31.47 -18.35 -3.96
N ALA A 41 31.64 -17.32 -3.13
CA ALA A 41 30.56 -16.77 -2.34
C ALA A 41 29.98 -15.57 -2.99
N THR A 42 29.84 -15.60 -4.29
CA THR A 42 29.20 -14.51 -5.00
C THR A 42 28.07 -15.06 -5.85
N ILE A 43 27.03 -14.25 -5.99
CA ILE A 43 25.89 -14.53 -6.82
C ILE A 43 25.74 -13.34 -7.74
N VAL A 44 25.64 -13.58 -9.04
CA VAL A 44 25.47 -12.51 -10.02
C VAL A 44 23.99 -12.39 -10.43
N ILE A 45 23.47 -11.18 -10.56
CA ILE A 45 22.04 -11.00 -10.77
C ILE A 45 21.80 -9.97 -11.83
N HIS A 46 21.12 -10.33 -12.89
CA HIS A 46 20.84 -9.31 -13.88
C HIS A 46 19.37 -9.24 -14.19
N PRO A 47 18.63 -8.34 -13.55
CA PRO A 47 17.17 -8.25 -13.68
C PRO A 47 16.71 -7.81 -15.08
N GLY A 48 15.46 -8.00 -15.42
CA GLY A 48 14.94 -7.32 -16.59
C GLY A 48 13.46 -7.58 -16.74
N SER A 49 12.79 -6.94 -17.69
CA SER A 49 11.35 -7.15 -17.89
C SER A 49 10.96 -8.61 -18.10
N ASN A 50 11.75 -9.33 -18.87
CA ASN A 50 11.35 -10.66 -19.30
C ASN A 50 11.71 -11.70 -18.30
N SER A 51 12.91 -11.58 -17.77
CA SER A 51 13.45 -12.60 -16.95
C SER A 51 14.66 -12.08 -16.25
N ILE A 52 14.91 -12.66 -15.10
CA ILE A 52 15.99 -12.28 -14.27
C ILE A 52 17.02 -13.36 -14.46
N LYS A 53 18.21 -12.99 -14.89
CA LYS A 53 19.27 -13.96 -14.97
C LYS A 53 19.93 -13.99 -13.63
N ILE A 54 20.23 -15.19 -13.15
CA ILE A 54 20.84 -15.34 -11.86
C ILE A 54 21.68 -16.62 -11.73
N GLY A 55 22.92 -16.51 -11.28
CA GLY A 55 23.71 -17.70 -10.86
C GLY A 55 25.08 -17.43 -10.26
N PHE A 56 25.84 -18.45 -9.92
CA PHE A 56 27.23 -18.24 -9.47
C PHE A 56 28.14 -17.95 -10.65
N PRO A 57 29.19 -17.14 -10.44
CA PRO A 57 30.07 -16.72 -11.56
C PRO A 57 30.77 -17.80 -12.36
N LYS A 58 30.89 -19.01 -11.82
CA LYS A 58 31.59 -20.06 -12.53
C LYS A 58 30.68 -20.94 -13.37
N ASP A 59 29.40 -21.00 -13.00
CA ASP A 59 28.34 -21.56 -13.86
C ASP A 59 28.60 -21.25 -15.32
N ASP A 60 28.44 -22.28 -16.15
CA ASP A 60 28.50 -22.11 -17.60
C ASP A 60 27.35 -21.18 -17.96
N HIS A 61 26.20 -21.38 -17.32
CA HIS A 61 25.03 -20.55 -17.57
C HIS A 61 24.31 -20.08 -16.30
N PRO A 62 23.57 -18.97 -16.41
CA PRO A 62 22.71 -18.59 -15.32
C PRO A 62 21.38 -19.24 -15.49
N VAL A 63 20.70 -19.37 -14.36
CA VAL A 63 19.29 -19.73 -14.32
C VAL A 63 18.58 -18.54 -14.86
N VAL A 64 17.66 -18.76 -15.78
CA VAL A 64 16.90 -17.65 -16.25
C VAL A 64 15.52 -17.77 -15.65
N VAL A 65 15.12 -16.77 -14.87
CA VAL A 65 13.86 -16.82 -14.13
C VAL A 65 12.86 -15.77 -14.65
N PRO A 66 11.70 -16.21 -15.20
CA PRO A 66 10.67 -15.29 -15.68
C PRO A 66 10.38 -14.24 -14.63
N ASN A 67 10.11 -13.03 -15.07
CA ASN A 67 9.83 -11.91 -14.20
C ASN A 67 8.34 -11.81 -13.87
N CYS A 68 7.75 -12.88 -13.35
CA CYS A 68 6.32 -12.85 -13.01
C CYS A 68 6.01 -13.19 -11.60
N VAL A 69 4.88 -12.67 -11.15
CA VAL A 69 4.29 -13.12 -9.91
C VAL A 69 2.79 -13.23 -10.20
N ALA A 70 2.23 -14.42 -9.96
CA ALA A 70 0.80 -14.67 -10.19
C ALA A 70 0.04 -14.56 -8.88
N VAL A 71 -0.96 -13.68 -8.85
CA VAL A 71 -1.72 -13.35 -7.66
C VAL A 71 -3.17 -13.77 -7.82
N PRO A 72 -3.73 -14.56 -6.85
CA PRO A 72 -5.16 -14.88 -6.89
C PRO A 72 -6.05 -13.67 -7.12
N LYS A 73 -6.97 -13.78 -8.08
CA LYS A 73 -7.82 -12.67 -8.48
C LYS A 73 -8.65 -12.10 -7.34
N LYS A 74 -9.15 -12.99 -6.47
CA LYS A 74 -9.87 -12.62 -5.26
C LYS A 74 -9.08 -11.81 -4.21
N TRP A 75 -7.75 -11.88 -4.18
CA TRP A 75 -7.00 -11.10 -3.18
C TRP A 75 -6.84 -9.66 -3.58
N LEU A 76 -7.35 -9.26 -4.74
CA LEU A 76 -7.12 -7.87 -5.15
C LEU A 76 -8.38 -7.09 -5.44
N ASP A 77 -8.34 -5.82 -5.03
CA ASP A 77 -9.36 -4.83 -5.39
C ASP A 77 -9.29 -4.67 -6.90
N LEU A 78 -10.37 -5.04 -7.59
CA LEU A 78 -10.33 -5.05 -9.06
C LEU A 78 -11.46 -4.26 -9.73
N GLU A 79 -12.08 -3.35 -8.98
CA GLU A 79 -13.25 -2.64 -9.48
C GLU A 79 -12.90 -1.27 -10.06
N ASN A 80 -12.54 -0.32 -9.20
CA ASN A 80 -12.26 1.05 -9.61
C ASN A 80 -11.05 1.18 -10.52
N SER A 81 -9.91 0.62 -10.10
CA SER A 81 -8.68 0.57 -10.93
C SER A 81 -9.02 -0.06 -12.27
N GLU A 82 -9.92 -1.05 -12.22
CA GLU A 82 -10.57 -1.64 -13.39
C GLU A 82 -9.61 -2.11 -14.50
N HIS A 83 -9.92 -1.76 -15.75
CA HIS A 83 -9.26 -2.34 -16.90
C HIS A 83 -9.08 -3.85 -16.70
N VAL A 84 -10.18 -4.61 -16.68
CA VAL A 84 -10.04 -6.08 -16.73
C VAL A 84 -9.66 -6.40 -18.18
N GLU A 85 -8.50 -5.87 -18.56
CA GLU A 85 -8.04 -5.80 -19.93
C GLU A 85 -7.40 -7.10 -20.39
N ASN A 86 -7.40 -8.10 -19.52
CA ASN A 86 -6.88 -9.43 -19.86
C ASN A 86 -7.82 -10.16 -20.84
N VAL A 87 -8.80 -9.44 -21.39
CA VAL A 87 -9.81 -10.05 -22.28
C VAL A 87 -10.33 -9.16 -23.45
N CYS A 88 -9.45 -8.77 -24.40
CA CYS A 88 -9.83 -7.89 -25.56
C CYS A 88 -8.73 -7.56 -26.58
N LEU A 89 -9.05 -7.53 -27.89
CA LEU A 89 -8.09 -7.06 -28.97
C LEU A 89 -8.74 -6.39 -30.24
N GLN A 90 -7.91 -6.04 -31.24
CA GLN A 90 -8.36 -5.36 -32.47
C GLN A 90 -7.61 -5.63 -33.77
N ARG A 91 -8.18 -6.52 -34.58
CA ARG A 91 -7.79 -6.76 -35.99
C ARG A 91 -7.85 -5.54 -36.96
N GLU A 92 -8.89 -4.73 -36.88
CA GLU A 92 -8.97 -3.54 -37.69
C GLU A 92 -8.28 -2.42 -36.96
N GLN A 93 -7.52 -1.61 -37.70
CA GLN A 93 -6.72 -0.55 -37.12
C GLN A 93 -6.96 0.78 -37.84
N SER A 94 -6.25 1.83 -37.43
CA SER A 94 -6.49 3.19 -37.97
C SER A 94 -6.06 3.38 -39.44
N GLU A 95 -6.26 4.57 -39.98
CA GLU A 95 -5.69 4.89 -41.25
C GLU A 95 -4.19 4.96 -41.05
N GLU A 96 -3.74 5.77 -40.09
CA GLU A 96 -2.30 5.98 -39.92
C GLU A 96 -1.53 4.68 -39.86
N PHE A 97 -2.08 3.68 -39.20
CA PHE A 97 -1.48 2.34 -39.14
C PHE A 97 -1.49 1.65 -40.50
N ASN A 98 -2.62 1.67 -41.20
CA ASN A 98 -2.66 1.06 -42.52
C ASN A 98 -1.69 1.75 -43.46
N ASN A 99 -1.61 3.07 -43.44
CA ASN A 99 -0.59 3.79 -44.18
C ASN A 99 0.80 3.22 -43.93
N ILE A 100 1.18 3.14 -42.65
CA ILE A 100 2.51 2.74 -42.25
C ILE A 100 2.79 1.31 -42.69
N LYS A 101 1.83 0.42 -42.49
CA LYS A 101 2.01 -0.95 -42.93
C LYS A 101 2.10 -1.05 -44.47
N SER A 102 1.32 -0.23 -45.19
CA SER A 102 1.49 -0.07 -46.63
C SER A 102 2.92 0.31 -46.95
N GLU A 103 3.41 1.40 -46.36
CA GLU A 103 4.80 1.84 -46.55
C GLU A 103 5.82 0.75 -46.25
N MET A 104 5.58 0.01 -45.16
CA MET A 104 6.41 -1.12 -44.76
C MET A 104 6.42 -2.22 -45.81
N GLU A 105 5.28 -2.47 -46.45
CA GLU A 105 5.17 -3.51 -47.49
C GLU A 105 5.95 -3.14 -48.76
N LYS A 106 6.08 -1.84 -49.05
CA LYS A 106 6.81 -1.35 -50.20
C LYS A 106 8.30 -1.49 -49.94
N ASN A 107 8.71 -1.05 -48.76
CA ASN A 107 10.08 -1.26 -48.31
C ASN A 107 10.48 -2.73 -48.48
N PHE A 108 9.58 -3.62 -48.10
CA PHE A 108 9.77 -5.04 -48.28
C PHE A 108 9.83 -5.48 -49.75
N ARG A 109 8.84 -5.09 -50.55
CA ARG A 109 8.86 -5.32 -52.02
C ARG A 109 10.28 -4.98 -52.56
N GLU A 110 10.81 -3.82 -52.19
CA GLU A 110 12.04 -3.30 -52.77
C GLU A 110 13.26 -4.11 -52.45
N ARG A 111 13.43 -4.50 -51.20
CA ARG A 111 14.55 -5.33 -50.76
C ARG A 111 14.53 -6.67 -51.45
N MET A 112 13.38 -7.31 -51.34
CA MET A 112 13.08 -8.54 -52.02
C MET A 112 13.50 -8.47 -53.50
N ARG A 113 13.00 -7.49 -54.28
CA ARG A 113 13.45 -7.26 -55.67
C ARG A 113 14.97 -7.23 -55.77
N TYR A 114 15.58 -6.29 -55.05
CA TYR A 114 17.01 -5.99 -55.05
C TYR A 114 17.92 -7.21 -54.79
N TYR A 115 17.31 -8.33 -54.41
CA TYR A 115 18.01 -9.60 -54.39
C TYR A 115 17.18 -10.67 -55.17
N LYS A 116 15.97 -10.99 -54.67
CA LYS A 116 15.31 -12.27 -54.99
C LYS A 116 13.99 -12.48 -55.77
N ARG A 117 12.83 -12.29 -55.12
CA ARG A 117 11.58 -12.88 -55.64
C ARG A 117 10.25 -12.21 -55.20
N LYS A 118 9.17 -12.44 -55.96
CA LYS A 118 7.80 -11.92 -55.67
C LYS A 118 6.73 -12.90 -56.18
N VAL A 119 5.46 -12.74 -55.75
CA VAL A 119 4.37 -13.63 -56.23
C VAL A 119 2.90 -13.07 -56.17
N PRO A 120 1.86 -13.90 -56.49
CA PRO A 120 0.43 -13.82 -56.10
C PRO A 120 0.08 -13.66 -54.61
N GLY A 121 1.07 -13.83 -53.71
CA GLY A 121 1.02 -13.37 -52.31
C GLY A 121 -0.09 -13.83 -51.36
N ASN A 122 -0.90 -12.87 -50.93
CA ASN A 122 -1.89 -13.02 -49.86
C ASN A 122 -3.06 -14.07 -50.03
N ALA A 123 -3.31 -14.54 -51.26
CA ALA A 123 -4.50 -15.39 -51.59
C ALA A 123 -4.52 -16.79 -50.91
N HIS A 124 -5.63 -17.15 -50.22
CA HIS A 124 -5.55 -18.04 -49.03
C HIS A 124 -6.45 -19.25 -48.73
N GLU A 125 -6.04 -19.96 -47.67
CA GLU A 125 -6.61 -21.22 -47.20
C GLU A 125 -6.89 -21.22 -45.71
N GLN A 126 -6.41 -20.18 -45.03
CA GLN A 126 -6.63 -20.02 -43.60
C GLN A 126 -7.98 -19.41 -43.39
N VAL A 127 -8.56 -18.91 -44.48
CA VAL A 127 -9.93 -18.46 -44.50
C VAL A 127 -10.82 -19.69 -44.22
N VAL A 128 -10.25 -20.90 -44.40
CA VAL A 128 -10.93 -22.15 -44.09
C VAL A 128 -10.18 -23.01 -43.03
N SER A 129 -9.83 -22.37 -41.91
CA SER A 129 -9.08 -22.94 -40.77
C SER A 129 -9.50 -24.33 -40.26
N PHE A 130 -8.65 -25.34 -40.42
CA PHE A 130 -9.00 -26.72 -40.02
C PHE A 130 -8.21 -27.26 -38.81
N ASN A 131 -8.92 -27.52 -37.71
CA ASN A 131 -8.29 -27.88 -36.42
C ASN A 131 -8.29 -29.36 -36.06
N GLU A 132 -7.15 -29.82 -35.55
CA GLU A 132 -6.90 -31.23 -35.29
C GLU A 132 -6.63 -31.49 -33.81
N ASN A 133 -7.61 -32.06 -33.12
CA ASN A 133 -7.47 -32.40 -31.70
C ASN A 133 -6.40 -33.45 -31.47
N SER A 134 -5.43 -33.10 -30.64
CA SER A 134 -4.38 -34.04 -30.33
C SER A 134 -4.68 -34.82 -29.07
N LYS A 135 -4.18 -36.05 -29.05
CA LYS A 135 -4.09 -36.85 -27.84
C LYS A 135 -3.07 -36.19 -26.89
N PRO A 136 -3.10 -36.53 -25.60
CA PRO A 136 -2.08 -36.05 -24.65
C PRO A 136 -0.66 -36.57 -24.95
N GLU A 137 -0.22 -36.35 -26.19
CA GLU A 137 1.17 -36.55 -26.60
C GLU A 137 1.66 -35.28 -27.31
N ILE A 138 2.05 -34.29 -26.52
CA ILE A 138 2.65 -33.07 -27.03
C ILE A 138 4.17 -33.23 -27.00
N ILE A 139 4.74 -33.52 -28.16
CA ILE A 139 6.19 -33.46 -28.32
C ILE A 139 6.56 -31.97 -28.42
N SER A 140 7.81 -31.64 -28.06
CA SER A 140 8.29 -30.25 -27.93
C SER A 140 8.27 -29.42 -29.24
N GLU A 141 7.73 -28.19 -29.17
CA GLU A 141 7.67 -27.26 -30.32
C GLU A 141 8.95 -26.41 -30.52
N LYS A 142 9.64 -26.10 -29.41
CA LYS A 142 10.95 -25.40 -29.37
C LYS A 142 11.56 -25.33 -27.95
N ASN A 143 12.79 -24.79 -27.87
CA ASN A 143 13.49 -24.48 -26.60
C ASN A 143 13.48 -25.63 -25.56
N ASP A 144 13.03 -25.35 -24.34
CA ASP A 144 13.07 -26.31 -23.21
C ASP A 144 11.75 -26.94 -22.67
N PRO A 145 10.56 -26.34 -22.97
CA PRO A 145 9.28 -26.88 -22.44
C PRO A 145 8.47 -27.83 -23.36
N SER A 146 7.44 -28.46 -22.78
CA SER A 146 6.45 -29.30 -23.49
C SER A 146 5.09 -29.20 -22.71
N PRO A 147 4.13 -30.16 -22.88
CA PRO A 147 2.71 -29.89 -22.54
C PRO A 147 2.50 -29.23 -21.18
N ILE A 148 1.37 -28.55 -21.04
CA ILE A 148 1.19 -27.62 -19.93
C ILE A 148 0.43 -28.23 -18.74
N GLU A 149 1.14 -28.43 -17.63
CA GLU A 149 0.49 -28.86 -16.38
C GLU A 149 0.10 -27.65 -15.54
N TRP A 150 -1.16 -27.26 -15.63
CA TRP A 150 -1.64 -26.00 -15.09
C TRP A 150 -1.86 -25.96 -13.60
N ILE A 151 -2.00 -24.72 -13.13
CA ILE A 151 -2.14 -24.42 -11.73
C ILE A 151 -3.51 -23.77 -11.48
N PHE A 152 -4.31 -24.43 -10.65
CA PHE A 152 -5.66 -24.01 -10.35
C PHE A 152 -5.85 -23.55 -8.91
N ASP A 153 -4.89 -23.91 -8.05
CA ASP A 153 -4.91 -23.55 -6.63
C ASP A 153 -4.70 -22.06 -6.42
N ASP A 154 -5.79 -21.31 -6.29
CA ASP A 154 -5.66 -19.88 -6.04
C ASP A 154 -5.69 -19.49 -4.55
N SER A 155 -4.96 -20.25 -3.72
CA SER A 155 -4.77 -19.86 -2.33
C SER A 155 -3.32 -19.43 -2.00
N LYS A 156 -2.47 -19.32 -3.01
CA LYS A 156 -1.14 -18.70 -2.85
C LYS A 156 -0.65 -17.90 -4.07
N LEU A 157 0.38 -17.08 -3.86
CA LEU A 157 1.07 -16.40 -4.96
C LEU A 157 2.01 -17.41 -5.59
N TYR A 158 2.28 -17.21 -6.88
CA TYR A 158 3.22 -18.07 -7.61
C TYR A 158 4.28 -17.28 -8.36
N TYR A 159 5.49 -17.84 -8.44
CA TYR A 159 6.66 -17.11 -8.95
C TYR A 159 7.38 -17.75 -10.16
N GLY A 160 7.77 -16.94 -11.13
CA GLY A 160 8.57 -17.43 -12.24
C GLY A 160 7.80 -18.32 -13.20
N SER A 161 8.42 -19.44 -13.59
CA SER A 161 7.84 -20.41 -14.51
C SER A 161 6.54 -20.97 -13.95
N ASP A 162 6.50 -21.11 -12.62
CA ASP A 162 5.28 -21.52 -11.92
C ASP A 162 4.13 -20.54 -12.13
N ALA A 163 4.39 -19.23 -12.15
CA ALA A 163 3.32 -18.26 -12.33
C ALA A 163 2.77 -18.33 -13.74
N LEU A 164 3.58 -18.90 -14.63
CA LEU A 164 3.25 -18.95 -16.05
C LEU A 164 2.26 -20.04 -16.38
N ARG A 165 2.15 -21.05 -15.53
CA ARG A 165 1.10 -22.04 -15.70
C ARG A 165 -0.12 -21.74 -14.81
N CYS A 166 -0.20 -20.52 -14.29
CA CYS A 166 -1.34 -20.12 -13.43
C CYS A 166 -2.52 -19.60 -14.23
N VAL A 167 -3.44 -20.52 -14.53
CA VAL A 167 -4.67 -20.24 -15.29
C VAL A 167 -5.24 -18.85 -14.95
N ASP A 168 -5.41 -18.00 -15.95
CA ASP A 168 -5.74 -16.61 -15.63
C ASP A 168 -7.23 -16.28 -15.55
N GLU A 169 -8.05 -17.30 -15.31
CA GLU A 169 -9.43 -17.07 -14.85
C GLU A 169 -9.49 -17.04 -13.32
N LYS A 170 -8.39 -17.44 -12.67
CA LYS A 170 -8.20 -17.35 -11.22
C LYS A 170 -7.00 -16.45 -10.79
N PHE A 171 -6.10 -16.15 -11.71
CA PHE A 171 -4.91 -15.38 -11.38
C PHE A 171 -4.67 -14.14 -12.21
N VAL A 172 -4.11 -13.12 -11.57
CA VAL A 172 -3.54 -11.97 -12.25
C VAL A 172 -1.99 -12.00 -12.20
N ILE A 173 -1.33 -11.56 -13.25
CA ILE A 173 0.13 -11.65 -13.28
C ILE A 173 0.70 -10.26 -13.14
N ARG A 174 1.50 -10.02 -12.10
CA ARG A 174 2.26 -8.78 -12.01
C ARG A 174 3.78 -8.99 -12.04
N LYS A 175 4.48 -7.95 -12.47
CA LYS A 175 5.89 -8.05 -12.79
C LYS A 175 6.60 -7.00 -12.00
N PRO A 176 7.44 -7.43 -11.04
CA PRO A 176 8.13 -6.47 -10.19
C PRO A 176 9.02 -5.51 -10.98
N PHE A 177 9.77 -6.02 -11.98
CA PHE A 177 10.81 -5.24 -12.67
C PHE A 177 10.34 -4.64 -14.00
N ARG A 178 10.86 -3.46 -14.34
CA ARG A 178 10.91 -2.99 -15.73
C ARG A 178 12.32 -2.70 -16.27
N GLY A 179 12.94 -3.77 -16.74
CA GLY A 179 14.27 -3.79 -17.32
C GLY A 179 15.34 -3.25 -16.38
N GLY A 180 15.59 -3.95 -15.27
CA GLY A 180 16.64 -3.52 -14.36
C GLY A 180 16.18 -2.44 -13.39
N SER A 181 15.20 -1.61 -13.78
CA SER A 181 14.53 -0.71 -12.79
C SER A 181 13.24 -1.26 -12.15
N PHE A 182 12.66 -0.57 -11.18
CA PHE A 182 11.46 -1.11 -10.51
C PHE A 182 10.21 -0.73 -11.24
N ASN A 183 9.27 -1.65 -11.31
CA ASN A 183 8.13 -1.44 -12.17
C ASN A 183 7.13 -0.64 -11.40
N VAL A 184 7.29 0.67 -11.51
CA VAL A 184 6.49 1.63 -10.81
C VAL A 184 5.09 1.76 -11.42
N LYS A 185 5.00 1.71 -12.75
CA LYS A 185 3.76 2.02 -13.46
C LYS A 185 2.64 0.95 -13.34
N SER A 186 3.02 -0.30 -13.04
CA SER A 186 2.05 -1.39 -12.86
C SER A 186 0.88 -1.02 -11.98
N PRO A 187 -0.35 -1.42 -12.37
CA PRO A 187 -1.51 -1.10 -11.55
C PRO A 187 -1.75 -2.05 -10.36
N TYR A 188 -1.05 -3.17 -10.31
CA TYR A 188 -1.37 -4.26 -9.38
C TYR A 188 -0.59 -4.22 -8.04
N TYR A 189 0.25 -3.21 -7.87
CA TYR A 189 0.84 -2.93 -6.57
C TYR A 189 0.21 -1.66 -6.03
N LYS A 190 0.10 -1.56 -4.71
CA LYS A 190 -0.41 -0.36 -4.06
C LYS A 190 0.63 0.46 -3.27
N SER A 191 1.88 -0.01 -3.20
CA SER A 191 2.97 0.65 -2.47
C SER A 191 4.30 -0.06 -2.67
N LEU A 192 5.39 0.63 -2.43
CA LEU A 192 6.72 0.04 -2.54
C LEU A 192 6.87 -1.24 -1.74
N ALA A 193 6.05 -1.35 -0.69
CA ALA A 193 6.16 -2.46 0.24
C ALA A 193 5.84 -3.73 -0.52
N GLU A 194 4.62 -3.79 -1.04
CA GLU A 194 4.16 -4.89 -1.90
C GLU A 194 5.22 -5.22 -2.97
N LEU A 195 5.64 -4.20 -3.71
CA LEU A 195 6.57 -4.35 -4.81
C LEU A 195 7.90 -4.97 -4.37
N ILE A 196 8.38 -4.59 -3.21
CA ILE A 196 9.65 -5.14 -2.73
C ILE A 196 9.46 -6.55 -2.15
N SER A 197 8.29 -6.80 -1.58
CA SER A 197 8.06 -8.10 -0.97
C SER A 197 8.14 -9.18 -2.04
N ASP A 198 7.65 -8.91 -3.23
CA ASP A 198 7.70 -9.99 -4.16
C ASP A 198 8.94 -9.89 -5.04
N VAL A 199 9.62 -8.74 -5.03
CA VAL A 199 10.97 -8.72 -5.58
C VAL A 199 11.79 -9.68 -4.76
N THR A 200 11.67 -9.62 -3.44
CA THR A 200 12.47 -10.49 -2.59
C THR A 200 12.01 -11.94 -2.63
N LYS A 201 10.73 -12.18 -2.90
CA LYS A 201 10.24 -13.55 -2.98
C LYS A 201 10.51 -14.19 -4.33
N LEU A 202 10.68 -13.34 -5.36
CA LEU A 202 11.04 -13.77 -6.69
C LEU A 202 12.50 -14.19 -6.69
N LEU A 203 13.35 -13.38 -6.07
CA LEU A 203 14.78 -13.66 -5.98
C LEU A 203 15.02 -14.90 -5.14
N GLU A 204 14.25 -15.04 -4.07
CA GLU A 204 14.40 -16.18 -3.16
C GLU A 204 14.04 -17.43 -3.94
N HIS A 205 13.00 -17.31 -4.76
CA HIS A 205 12.54 -18.40 -5.59
C HIS A 205 13.68 -18.79 -6.50
N ALA A 206 14.15 -17.84 -7.29
CA ALA A 206 15.33 -17.96 -8.13
C ALA A 206 16.43 -18.65 -7.37
N LEU A 207 16.87 -18.04 -6.28
CA LEU A 207 17.90 -18.62 -5.41
C LEU A 207 17.59 -20.01 -4.85
N ASN A 208 16.34 -20.45 -4.85
CA ASN A 208 16.04 -21.84 -4.50
C ASN A 208 15.61 -22.70 -5.70
N SER A 209 16.55 -23.46 -6.26
CA SER A 209 16.39 -24.10 -7.59
C SER A 209 17.33 -25.27 -7.76
N GLU A 210 16.93 -26.24 -8.56
CA GLU A 210 17.80 -27.39 -8.84
C GLU A 210 19.30 -27.06 -8.85
N THR A 211 19.70 -25.95 -9.48
CA THR A 211 21.12 -25.75 -9.78
C THR A 211 21.93 -24.85 -8.86
N LEU A 212 21.27 -23.85 -8.27
CA LEU A 212 21.86 -23.08 -7.19
C LEU A 212 20.85 -23.18 -6.08
N ASN A 213 21.26 -23.70 -4.94
CA ASN A 213 20.29 -24.14 -3.97
C ASN A 213 20.48 -23.36 -2.70
N VAL A 214 20.06 -22.10 -2.74
CA VAL A 214 20.42 -21.15 -1.69
C VAL A 214 19.19 -20.66 -0.89
N LYS A 215 19.13 -21.01 0.39
CA LYS A 215 18.05 -20.54 1.28
C LYS A 215 18.37 -19.19 1.94
N PRO A 216 17.33 -18.40 2.28
CA PRO A 216 17.51 -17.02 2.70
C PRO A 216 18.45 -16.90 3.90
N THR A 217 18.35 -17.86 4.81
CA THR A 217 19.20 -17.93 6.01
C THR A 217 20.67 -18.16 5.70
N LYS A 218 20.97 -18.78 4.57
CA LYS A 218 22.37 -18.82 4.12
C LYS A 218 22.75 -17.65 3.23
N PHE A 219 21.86 -16.68 3.04
CA PHE A 219 22.11 -15.56 2.11
C PHE A 219 23.27 -14.74 2.59
N ASN A 220 23.45 -14.67 3.90
CA ASN A 220 24.44 -13.76 4.45
C ASN A 220 25.85 -14.31 4.29
N GLN A 221 25.97 -15.33 3.45
CA GLN A 221 27.25 -15.96 3.17
C GLN A 221 27.77 -15.53 1.81
N TYR A 222 26.98 -14.69 1.14
CA TYR A 222 27.15 -14.44 -0.28
C TYR A 222 27.23 -12.96 -0.61
N LYS A 223 28.11 -12.61 -1.54
CA LYS A 223 28.09 -11.27 -2.12
C LYS A 223 27.31 -11.30 -3.41
N VAL A 224 26.85 -10.15 -3.87
CA VAL A 224 26.09 -10.03 -5.09
C VAL A 224 26.79 -9.05 -5.99
N VAL A 225 26.93 -9.38 -7.28
CA VAL A 225 27.24 -8.35 -8.27
C VAL A 225 25.93 -8.15 -8.97
N LEU A 226 25.42 -6.92 -8.98
CA LEU A 226 24.13 -6.59 -9.59
C LEU A 226 24.24 -5.78 -10.87
N VAL A 227 23.62 -6.21 -11.97
CA VAL A 227 23.69 -5.37 -13.19
C VAL A 227 22.59 -4.30 -13.21
N ILE A 228 22.94 -3.13 -13.69
CA ILE A 228 22.09 -1.97 -13.61
C ILE A 228 22.06 -1.31 -15.00
N PRO A 229 20.98 -0.61 -15.35
CA PRO A 229 20.94 -0.01 -16.69
C PRO A 229 21.96 1.09 -16.85
N ASP A 230 22.24 1.49 -18.08
CA ASP A 230 23.24 2.56 -18.28
C ASP A 230 22.73 3.89 -17.78
N ILE A 231 21.49 4.23 -18.11
CA ILE A 231 20.79 5.35 -17.47
C ILE A 231 19.85 4.82 -16.38
N PHE A 232 20.38 4.59 -15.19
CA PHE A 232 19.61 4.05 -14.08
C PHE A 232 18.87 5.17 -13.33
N LYS A 233 17.87 4.77 -12.55
CA LYS A 233 17.24 5.63 -11.58
C LYS A 233 18.01 5.42 -10.28
N LYS A 234 18.61 6.50 -9.78
CA LYS A 234 19.43 6.41 -8.56
C LYS A 234 18.61 5.95 -7.35
N SER A 235 17.34 6.38 -7.28
CA SER A 235 16.44 6.00 -6.23
C SER A 235 16.18 4.51 -6.27
N HIS A 236 16.12 3.94 -7.46
CA HIS A 236 15.83 2.52 -7.63
C HIS A 236 17.06 1.76 -7.23
N VAL A 237 18.20 2.08 -7.82
CA VAL A 237 19.44 1.39 -7.48
C VAL A 237 19.71 1.37 -5.98
N GLU A 238 19.62 2.56 -5.37
CA GLU A 238 19.80 2.75 -3.94
C GLU A 238 18.85 1.87 -3.17
N THR A 239 17.59 1.83 -3.60
CA THR A 239 16.60 1.02 -2.90
C THR A 239 17.03 -0.42 -2.99
N PHE A 240 17.43 -0.82 -4.18
CA PHE A 240 17.72 -2.20 -4.44
C PHE A 240 18.92 -2.68 -3.60
N ILE A 241 19.98 -1.86 -3.59
CA ILE A 241 21.12 -2.11 -2.73
C ILE A 241 20.68 -2.19 -1.25
N ARG A 242 19.86 -1.23 -0.81
CA ARG A 242 19.35 -1.21 0.56
C ARG A 242 18.62 -2.53 0.90
N VAL A 243 17.90 -3.08 -0.07
CA VAL A 243 17.19 -4.33 0.18
C VAL A 243 18.11 -5.56 0.20
N LEU A 244 18.98 -5.64 -0.79
CA LEU A 244 19.87 -6.76 -0.90
C LEU A 244 20.70 -6.93 0.36
N LEU A 245 20.96 -5.80 1.04
CA LEU A 245 21.88 -5.79 2.22
C LEU A 245 21.14 -5.90 3.52
N THR A 246 20.05 -5.15 3.62
CA THR A 246 19.32 -4.91 4.85
C THR A 246 18.11 -5.81 5.04
N GLU A 247 17.50 -6.31 3.97
CA GLU A 247 16.37 -7.22 4.15
C GLU A 247 16.82 -8.63 3.84
N LEU A 248 17.18 -8.88 2.58
CA LEU A 248 17.70 -10.18 2.15
C LEU A 248 18.98 -10.56 2.91
N GLN A 249 19.77 -9.56 3.29
CA GLN A 249 20.90 -9.76 4.18
C GLN A 249 22.16 -10.29 3.55
N PHE A 250 22.39 -10.00 2.28
CA PHE A 250 23.66 -10.38 1.64
C PHE A 250 24.90 -9.66 2.24
N GLN A 251 26.07 -10.26 2.07
CA GLN A 251 27.31 -9.76 2.65
C GLN A 251 27.64 -8.38 2.11
N ALA A 252 27.70 -8.26 0.78
CA ALA A 252 28.17 -7.04 0.09
C ALA A 252 27.64 -6.99 -1.34
N VAL A 253 27.38 -5.81 -1.88
CA VAL A 253 26.85 -5.70 -3.26
C VAL A 253 27.71 -4.84 -4.18
N ALA A 254 28.03 -5.33 -5.37
CA ALA A 254 28.72 -4.50 -6.36
C ALA A 254 27.81 -4.32 -7.54
N ILE A 255 27.88 -3.18 -8.23
CA ILE A 255 26.98 -2.86 -9.34
C ILE A 255 27.77 -2.54 -10.60
N ILE A 256 27.20 -2.82 -11.76
CA ILE A 256 27.82 -2.48 -13.04
C ILE A 256 26.74 -2.11 -14.05
N GLN A 257 27.07 -1.30 -15.04
CA GLN A 257 26.08 -0.95 -16.02
C GLN A 257 26.05 -1.96 -17.13
N GLU A 258 24.89 -2.10 -17.75
CA GLU A 258 24.71 -3.12 -18.76
C GLU A 258 25.80 -3.08 -19.82
N SER A 259 26.05 -1.89 -20.37
CA SER A 259 26.91 -1.77 -21.53
C SER A 259 28.30 -2.28 -21.24
N LEU A 260 28.74 -2.07 -20.00
CA LEU A 260 30.08 -2.40 -19.61
C LEU A 260 30.17 -3.88 -19.41
N ALA A 261 29.14 -4.46 -18.81
CA ALA A 261 29.10 -5.88 -18.66
C ALA A 261 29.16 -6.52 -20.05
N THR A 262 28.31 -6.06 -20.98
CA THR A 262 28.27 -6.68 -22.30
C THR A 262 29.60 -6.62 -22.99
N CYS A 263 30.46 -5.73 -22.51
CA CYS A 263 31.82 -5.67 -23.05
C CYS A 263 32.76 -6.64 -22.40
N TYR A 264 32.58 -6.88 -21.11
CA TYR A 264 33.40 -7.85 -20.42
C TYR A 264 32.98 -9.22 -20.90
N GLY A 265 31.69 -9.35 -21.18
CA GLY A 265 31.10 -10.54 -21.76
C GLY A 265 31.75 -10.94 -23.06
N ALA A 266 32.25 -9.98 -23.82
CA ALA A 266 32.86 -10.26 -25.11
C ALA A 266 34.35 -9.90 -25.17
N GLY A 267 34.66 -8.62 -25.33
CA GLY A 267 36.02 -8.13 -25.51
C GLY A 267 35.88 -6.63 -25.29
N ILE A 268 36.70 -6.15 -24.35
CA ILE A 268 36.52 -4.85 -23.65
C ILE A 268 37.57 -3.84 -24.17
N SER A 269 38.58 -4.35 -24.85
CA SER A 269 39.74 -3.55 -25.16
C SER A 269 39.38 -2.31 -26.00
N THR A 270 38.57 -2.49 -27.04
CA THR A 270 38.28 -1.37 -27.95
C THR A 270 37.26 -0.39 -27.41
N SER A 271 36.98 0.61 -28.21
CA SER A 271 35.81 1.46 -28.06
C SER A 271 34.75 0.78 -28.87
N THR A 272 33.62 0.47 -28.24
CA THR A 272 32.57 -0.28 -28.89
C THR A 272 31.25 0.41 -28.63
N CYS A 273 30.25 0.07 -29.44
CA CYS A 273 28.90 0.61 -29.31
C CYS A 273 27.92 -0.53 -29.13
N VAL A 274 27.27 -0.61 -27.96
CA VAL A 274 26.34 -1.70 -27.66
C VAL A 274 24.87 -1.38 -27.97
N VAL A 275 24.25 -2.20 -28.82
CA VAL A 275 22.81 -2.13 -29.04
C VAL A 275 22.24 -3.35 -28.31
N ASN A 276 21.21 -3.12 -27.52
CA ASN A 276 20.63 -4.13 -26.67
C ASN A 276 19.11 -4.07 -26.80
N ILE A 277 18.53 -5.06 -27.50
CA ILE A 277 17.08 -5.13 -27.73
C ILE A 277 16.43 -6.21 -26.90
N GLY A 278 15.68 -5.85 -25.87
CA GLY A 278 14.91 -6.82 -25.06
C GLY A 278 13.41 -6.68 -25.29
N ALA A 279 12.59 -7.06 -24.31
CA ALA A 279 11.14 -6.98 -24.48
C ALA A 279 10.51 -5.57 -24.50
N ALA A 280 10.84 -4.75 -23.52
CA ALA A 280 10.14 -3.50 -23.34
C ALA A 280 10.90 -2.39 -23.98
N GLU A 281 12.22 -2.40 -23.82
CA GLU A 281 13.04 -1.31 -24.35
C GLU A 281 14.24 -1.73 -25.17
N THR A 282 14.70 -0.86 -26.05
CA THR A 282 15.97 -1.09 -26.73
C THR A 282 16.97 -0.04 -26.27
N ARG A 283 18.14 -0.49 -25.85
CA ARG A 283 19.11 0.39 -25.25
C ARG A 283 20.46 0.42 -25.96
N ILE A 284 20.95 1.63 -26.24
CA ILE A 284 22.15 1.87 -27.04
C ILE A 284 23.05 2.85 -26.34
N ALA A 285 24.30 2.46 -26.14
CA ALA A 285 25.32 3.32 -25.50
C ALA A 285 26.67 2.97 -26.09
N CYS A 286 27.60 3.92 -26.08
CA CYS A 286 28.94 3.58 -26.46
C CYS A 286 29.81 3.47 -25.25
N VAL A 287 30.80 2.62 -25.35
CA VAL A 287 31.72 2.38 -24.24
C VAL A 287 33.12 2.61 -24.77
N ASP A 288 33.93 3.35 -24.06
CA ASP A 288 35.28 3.57 -24.50
C ASP A 288 36.19 3.57 -23.32
N GLU A 289 37.22 2.72 -23.40
CA GLU A 289 38.22 2.60 -22.38
C GLU A 289 37.61 2.55 -20.96
N GLY A 290 36.68 1.62 -20.77
CA GLY A 290 36.20 1.30 -19.44
C GLY A 290 35.08 2.15 -18.86
N THR A 291 34.64 3.17 -19.60
CA THR A 291 33.49 3.95 -19.15
C THR A 291 32.40 4.08 -20.18
N VAL A 292 31.15 4.05 -19.73
CA VAL A 292 30.01 4.19 -20.62
C VAL A 292 29.77 5.68 -20.88
N LEU A 293 29.85 6.07 -22.13
CA LEU A 293 29.81 7.48 -22.44
C LEU A 293 28.39 8.04 -22.37
N GLU A 294 28.19 8.84 -21.32
CA GLU A 294 26.89 9.29 -20.87
C GLU A 294 26.07 9.81 -22.01
N HIS A 295 26.67 10.64 -22.83
CA HIS A 295 25.89 11.34 -23.83
C HIS A 295 25.63 10.51 -25.06
N SER A 296 25.96 9.23 -24.99
CA SER A 296 25.71 8.34 -26.08
C SER A 296 24.51 7.51 -25.71
N ALA A 297 24.20 7.43 -24.42
CA ALA A 297 23.14 6.51 -23.98
C ALA A 297 21.73 6.85 -24.51
N ILE A 298 21.12 5.95 -25.27
CA ILE A 298 19.73 6.10 -25.69
C ILE A 298 18.89 4.93 -25.20
N THR A 299 17.66 5.24 -24.78
CA THR A 299 16.64 4.25 -24.48
C THR A 299 15.47 4.49 -25.35
N LEU A 300 15.24 3.54 -26.25
CA LEU A 300 14.11 3.52 -27.15
C LEU A 300 12.99 2.77 -26.45
N ASP A 301 11.76 3.24 -26.56
CA ASP A 301 10.72 2.67 -25.73
C ASP A 301 9.95 1.54 -26.42
N TYR A 302 10.69 0.69 -27.10
CA TYR A 302 10.12 -0.42 -27.83
C TYR A 302 11.15 -1.51 -27.91
N GLY A 303 10.70 -2.74 -28.12
CA GLY A 303 11.57 -3.89 -28.22
C GLY A 303 10.78 -5.12 -28.57
N GLY A 304 11.29 -6.27 -28.18
CA GLY A 304 10.69 -7.55 -28.58
C GLY A 304 9.19 -7.76 -28.39
N ASP A 305 8.63 -7.15 -27.35
CA ASP A 305 7.19 -7.23 -27.06
C ASP A 305 6.38 -6.63 -28.13
N ASP A 306 6.93 -5.59 -28.74
CA ASP A 306 6.18 -4.79 -29.66
C ASP A 306 6.12 -5.50 -30.95
N ILE A 307 7.23 -6.17 -31.25
CA ILE A 307 7.31 -7.12 -32.36
C ILE A 307 6.29 -8.25 -32.15
N THR A 308 6.25 -8.83 -30.96
CA THR A 308 5.32 -9.90 -30.71
C THR A 308 3.92 -9.42 -30.90
N ARG A 309 3.66 -8.16 -30.55
CA ARG A 309 2.30 -7.63 -30.69
C ARG A 309 1.98 -7.41 -32.14
N LEU A 310 2.89 -6.69 -32.83
CA LEU A 310 2.76 -6.39 -34.25
C LEU A 310 2.57 -7.63 -35.09
N PHE A 311 3.36 -8.65 -34.81
CA PHE A 311 3.29 -9.88 -35.55
C PHE A 311 1.97 -10.59 -35.45
N ALA A 312 1.42 -10.72 -34.24
CA ALA A 312 0.12 -11.36 -34.04
C ALA A 312 -0.95 -10.55 -34.75
N LEU A 313 -0.91 -9.23 -34.60
CA LEU A 313 -1.77 -8.33 -35.37
C LEU A 313 -1.67 -8.65 -36.84
N PHE A 314 -0.45 -8.87 -37.33
CA PHE A 314 -0.23 -9.11 -38.74
C PHE A 314 -0.83 -10.41 -39.26
N LEU A 315 -0.68 -11.49 -38.50
CA LEU A 315 -1.37 -12.73 -38.79
C LEU A 315 -2.89 -12.55 -38.73
N LEU A 316 -3.38 -11.85 -37.72
CA LEU A 316 -4.82 -11.67 -37.63
C LEU A 316 -5.27 -11.01 -38.89
N GLN A 317 -4.40 -10.14 -39.41
CA GLN A 317 -4.71 -9.36 -40.57
C GLN A 317 -4.63 -10.16 -41.86
N SER A 318 -4.00 -11.33 -41.77
CA SER A 318 -3.96 -12.29 -42.88
C SER A 318 -4.87 -13.52 -42.63
N ASP A 319 -5.97 -13.26 -41.93
CA ASP A 319 -7.00 -14.24 -41.53
C ASP A 319 -6.52 -15.51 -40.77
N PHE A 320 -5.75 -15.31 -39.71
CA PHE A 320 -5.25 -16.38 -38.82
C PHE A 320 -6.36 -17.14 -38.08
N PRO A 321 -6.32 -18.49 -38.17
CA PRO A 321 -7.29 -19.44 -37.60
C PRO A 321 -7.92 -19.05 -36.25
N LEU A 322 -7.15 -18.40 -35.40
CA LEU A 322 -7.68 -17.90 -34.14
C LEU A 322 -7.96 -16.44 -34.37
N GLN A 323 -9.23 -16.03 -34.30
CA GLN A 323 -9.57 -14.62 -34.60
C GLN A 323 -9.82 -13.71 -33.38
N ASP A 324 -10.54 -14.22 -32.38
CA ASP A 324 -10.58 -13.54 -31.06
C ASP A 324 -9.33 -13.96 -30.26
N TRP A 325 -8.28 -13.14 -30.35
CA TRP A 325 -7.00 -13.48 -29.77
C TRP A 325 -6.68 -12.60 -28.55
N LYS A 326 -7.06 -13.09 -27.37
CA LYS A 326 -6.88 -12.35 -26.12
C LYS A 326 -5.38 -12.27 -25.79
N ILE A 327 -4.75 -11.23 -26.31
CA ILE A 327 -3.31 -11.09 -26.29
C ILE A 327 -2.73 -10.55 -24.98
N ASP A 328 -3.40 -9.59 -24.34
CA ASP A 328 -2.91 -9.14 -23.05
C ASP A 328 -3.36 -10.12 -21.97
N SER A 329 -3.80 -11.30 -22.43
CA SER A 329 -4.02 -12.45 -21.56
C SER A 329 -2.75 -13.25 -21.51
N LYS A 330 -2.50 -13.83 -20.34
CA LYS A 330 -1.30 -14.61 -20.10
C LYS A 330 -1.21 -15.74 -21.13
N HIS A 331 -2.31 -16.44 -21.34
CA HIS A 331 -2.30 -17.58 -22.22
C HIS A 331 -2.11 -17.25 -23.72
N GLY A 332 -2.75 -16.18 -24.19
CA GLY A 332 -2.63 -15.77 -25.60
C GLY A 332 -1.27 -15.15 -25.92
N TRP A 333 -0.78 -14.31 -25.00
CA TRP A 333 0.58 -13.76 -25.11
C TRP A 333 1.59 -14.86 -25.33
N LEU A 334 1.58 -15.86 -24.48
CA LEU A 334 2.51 -16.97 -24.60
C LEU A 334 2.50 -17.61 -25.99
N LEU A 335 1.35 -17.57 -26.66
CA LEU A 335 1.26 -18.04 -28.05
C LEU A 335 1.90 -17.04 -29.00
N ALA A 336 1.55 -15.76 -28.87
CA ALA A 336 2.10 -14.74 -29.76
C ALA A 336 3.63 -14.72 -29.70
N GLU A 337 4.16 -14.87 -28.49
CA GLU A 337 5.59 -14.91 -28.24
C GLU A 337 6.25 -16.16 -28.86
N ARG A 338 5.62 -17.32 -28.73
CA ARG A 338 6.16 -18.56 -29.34
C ARG A 338 6.27 -18.51 -30.86
N LEU A 339 5.20 -18.10 -31.53
CA LEU A 339 5.19 -17.99 -33.00
C LEU A 339 6.23 -17.06 -33.54
N LYS A 340 6.30 -15.85 -32.98
CA LYS A 340 7.27 -14.86 -33.46
C LYS A 340 8.70 -15.31 -33.19
N LYS A 341 8.86 -16.00 -32.08
CA LYS A 341 10.14 -16.51 -31.64
C LYS A 341 10.52 -17.60 -32.63
N ASN A 342 9.52 -18.32 -33.12
CA ASN A 342 9.78 -19.32 -34.13
C ASN A 342 10.00 -18.76 -35.52
N PHE A 343 9.21 -17.75 -35.90
CA PHE A 343 9.03 -17.43 -37.32
C PHE A 343 9.57 -16.13 -37.90
N THR A 344 9.86 -15.10 -37.11
CA THR A 344 10.30 -13.84 -37.71
C THR A 344 11.72 -13.92 -38.22
N THR A 345 11.99 -13.26 -39.34
CA THR A 345 13.30 -13.28 -39.99
C THR A 345 13.50 -12.02 -40.76
N PHE A 346 14.76 -11.65 -40.93
CA PHE A 346 15.15 -10.60 -41.81
C PHE A 346 15.89 -11.23 -42.98
N GLN A 347 15.84 -12.56 -43.04
CA GLN A 347 16.54 -13.37 -44.05
C GLN A 347 15.71 -13.47 -45.31
N ASP A 348 16.03 -12.63 -46.28
CA ASP A 348 15.26 -12.52 -47.52
C ASP A 348 15.24 -13.81 -48.36
N ALA A 349 16.31 -14.61 -48.24
CA ALA A 349 16.41 -15.90 -48.95
C ALA A 349 15.48 -16.98 -48.42
N ASP A 350 14.89 -16.76 -47.25
CA ASP A 350 13.99 -17.74 -46.66
C ASP A 350 12.51 -17.32 -46.73
N VAL A 351 12.23 -16.23 -47.43
CA VAL A 351 10.86 -15.73 -47.51
C VAL A 351 10.13 -16.33 -48.71
N ALA A 352 9.14 -17.15 -48.41
CA ALA A 352 8.41 -17.97 -49.37
C ALA A 352 6.98 -18.09 -48.88
N VAL A 353 6.04 -18.39 -49.77
CA VAL A 353 4.73 -18.76 -49.28
C VAL A 353 4.92 -20.13 -48.66
N GLN A 354 4.56 -20.26 -47.39
CA GLN A 354 4.98 -21.43 -46.61
C GLN A 354 4.04 -21.92 -45.54
N LEU A 355 4.24 -23.18 -45.17
CA LEU A 355 3.33 -23.96 -44.34
C LEU A 355 3.84 -24.09 -42.90
N TYR A 356 3.23 -23.35 -41.98
CA TYR A 356 3.56 -23.47 -40.57
C TYR A 356 2.39 -24.04 -39.80
N ASN A 357 2.59 -24.18 -38.48
CA ASN A 357 1.58 -24.74 -37.58
C ASN A 357 1.92 -24.45 -36.10
N PHE A 358 0.92 -24.62 -35.25
CA PHE A 358 1.06 -24.35 -33.83
C PHE A 358 -0.04 -25.08 -33.09
N MET A 359 0.21 -25.43 -31.83
CA MET A 359 -0.84 -26.01 -31.02
C MET A 359 -1.29 -25.00 -29.99
N ASN A 360 -2.60 -24.73 -30.01
CA ASN A 360 -3.26 -23.84 -29.07
C ASN A 360 -3.63 -24.61 -27.82
N ARG A 361 -2.86 -24.39 -26.76
CA ARG A 361 -2.99 -25.18 -25.53
C ARG A 361 -4.16 -24.74 -24.68
N SER A 362 -4.56 -25.64 -23.78
CA SER A 362 -5.91 -25.66 -23.27
C SER A 362 -6.05 -25.36 -21.79
N PRO A 363 -6.52 -24.14 -21.46
CA PRO A 363 -6.86 -23.81 -20.08
C PRO A 363 -7.92 -24.79 -19.57
N ASN A 364 -8.92 -25.07 -20.42
CA ASN A 364 -10.00 -26.00 -20.08
C ASN A 364 -10.56 -26.75 -21.32
N GLN A 365 -9.68 -27.18 -22.21
CA GLN A 365 -10.08 -27.86 -23.45
C GLN A 365 -9.20 -29.05 -23.82
N PRO A 366 -9.37 -29.59 -25.04
CA PRO A 366 -8.34 -30.45 -25.60
C PRO A 366 -7.38 -29.67 -26.51
N THR A 367 -6.10 -29.94 -26.35
CA THR A 367 -5.06 -29.39 -27.19
C THR A 367 -5.50 -29.47 -28.66
N GLU A 368 -5.50 -28.32 -29.33
CA GLU A 368 -5.95 -28.18 -30.73
C GLU A 368 -4.85 -27.75 -31.66
N LYS A 369 -4.49 -28.60 -32.61
CA LYS A 369 -3.50 -28.26 -33.63
C LYS A 369 -4.13 -27.56 -34.82
N TYR A 370 -3.51 -26.47 -35.27
CA TYR A 370 -3.93 -25.78 -36.48
C TYR A 370 -2.79 -25.78 -37.48
N GLU A 371 -3.10 -25.39 -38.72
CA GLU A 371 -2.10 -25.25 -39.78
C GLU A 371 -2.35 -23.99 -40.57
N PHE A 372 -1.36 -23.12 -40.67
CA PHE A 372 -1.54 -21.85 -41.35
C PHE A 372 -0.41 -21.58 -42.35
N LYS A 373 -0.67 -20.76 -43.37
CA LYS A 373 0.37 -20.33 -44.31
C LYS A 373 0.87 -18.93 -44.02
N LEU A 374 2.11 -18.64 -44.42
CA LEU A 374 2.69 -17.32 -44.22
C LEU A 374 3.54 -16.91 -45.39
N PHE A 375 3.61 -15.61 -45.62
CA PHE A 375 4.53 -15.04 -46.61
C PHE A 375 5.42 -13.95 -45.99
N ASP A 376 4.92 -12.71 -45.94
CA ASP A 376 5.76 -11.54 -45.62
C ASP A 376 5.68 -11.11 -44.18
N GLU A 377 4.60 -11.52 -43.52
CA GLU A 377 4.35 -11.19 -42.11
C GLU A 377 5.58 -11.45 -41.22
N VAL A 378 6.35 -12.45 -41.61
CA VAL A 378 7.60 -12.83 -40.94
C VAL A 378 8.70 -11.74 -41.02
N MET A 379 8.55 -10.82 -41.96
CA MET A 379 9.51 -9.73 -42.06
C MET A 379 8.91 -8.37 -41.73
N LEU A 380 7.68 -8.15 -42.18
CA LEU A 380 7.03 -6.89 -41.84
C LEU A 380 7.12 -6.64 -40.34
N ALA A 381 6.78 -7.64 -39.53
CA ALA A 381 6.82 -7.49 -38.10
C ALA A 381 8.15 -6.89 -37.58
N PRO A 382 9.26 -7.64 -37.70
CA PRO A 382 10.51 -7.08 -37.16
C PRO A 382 10.96 -5.80 -37.86
N LEU A 383 10.54 -5.58 -39.11
CA LEU A 383 10.92 -4.39 -39.85
C LEU A 383 10.38 -3.13 -39.18
N ALA A 384 9.39 -3.34 -38.30
CA ALA A 384 8.80 -2.25 -37.57
C ALA A 384 9.80 -1.64 -36.58
N LEU A 385 10.94 -2.30 -36.36
CA LEU A 385 12.03 -1.68 -35.65
C LEU A 385 12.49 -0.40 -36.35
N PHE A 386 12.16 -0.24 -37.62
CA PHE A 386 12.55 0.96 -38.36
C PHE A 386 11.35 1.87 -38.65
N PHE A 387 10.17 1.42 -38.22
CA PHE A 387 8.95 2.17 -38.37
C PHE A 387 8.23 2.01 -37.06
N PRO A 388 8.82 2.55 -35.98
CA PRO A 388 8.28 2.27 -34.66
C PRO A 388 7.04 3.08 -34.33
N GLN A 389 6.69 4.10 -35.12
CA GLN A 389 5.44 4.82 -34.82
C GLN A 389 4.32 3.83 -34.84
N ILE A 390 4.46 2.80 -35.67
CA ILE A 390 3.47 1.75 -35.71
C ILE A 390 3.25 1.12 -34.31
N PHE A 391 4.31 0.97 -33.53
CA PHE A 391 4.24 0.32 -32.20
C PHE A 391 3.43 1.15 -31.23
N LYS A 392 3.68 2.46 -31.24
CA LYS A 392 2.91 3.39 -30.44
C LYS A 392 1.43 3.17 -30.73
N LEU A 393 1.08 3.07 -32.01
CA LEU A 393 -0.33 3.01 -32.42
C LEU A 393 -1.06 1.82 -31.81
N ILE A 394 -0.40 0.68 -31.65
CA ILE A 394 -1.06 -0.57 -31.24
C ILE A 394 -0.96 -0.92 -29.75
N ARG A 395 -0.59 0.04 -28.92
CA ARG A 395 -0.59 -0.19 -27.48
C ARG A 395 -1.11 1.05 -26.76
N THR A 396 -1.75 0.83 -25.61
CA THR A 396 -2.30 1.92 -24.79
C THR A 396 -1.23 2.78 -24.12
N SER A 397 -1.51 4.07 -23.92
CA SER A 397 -0.55 5.02 -23.30
C SER A 397 -0.28 4.62 -21.87
N SER A 398 0.95 4.85 -21.41
CA SER A 398 1.36 4.56 -20.03
C SER A 398 0.36 5.12 -19.00
N HIS A 399 0.13 4.36 -17.94
CA HIS A 399 -0.81 4.75 -16.90
C HIS A 399 -0.22 4.57 -15.50
N LYS A 400 0.94 5.18 -15.25
CA LYS A 400 1.70 5.01 -13.99
C LYS A 400 0.95 5.33 -12.68
N ASN A 401 1.30 4.60 -11.61
CA ASN A 401 0.70 4.76 -10.26
C ASN A 401 1.34 5.90 -9.49
N SER A 402 0.62 7.01 -9.33
CA SER A 402 1.22 8.18 -8.71
C SER A 402 1.43 7.92 -7.23
N SER A 403 0.56 7.09 -6.64
CA SER A 403 0.69 6.71 -5.23
C SER A 403 1.88 5.77 -5.01
N LEU A 404 2.36 5.14 -6.08
CA LEU A 404 3.57 4.36 -6.01
C LEU A 404 4.77 5.22 -6.40
N GLU A 405 4.68 5.91 -7.53
CA GLU A 405 5.74 6.81 -8.03
C GLU A 405 6.10 7.94 -7.04
N PHE A 406 5.12 8.30 -6.21
CA PHE A 406 5.36 9.24 -5.14
C PHE A 406 6.38 8.65 -4.17
N GLN A 407 6.16 7.40 -3.77
CA GLN A 407 7.04 6.71 -2.82
C GLN A 407 8.48 6.48 -3.31
N LEU A 408 8.70 6.60 -4.60
CA LEU A 408 10.04 6.44 -5.15
C LEU A 408 10.48 7.68 -5.94
N PRO A 409 10.64 8.81 -5.23
CA PRO A 409 10.93 10.07 -5.87
C PRO A 409 12.26 9.98 -6.56
N GLU A 410 12.46 10.79 -7.60
CA GLU A 410 13.69 10.77 -8.38
C GLU A 410 14.83 11.44 -7.59
N SER A 411 16.00 10.81 -7.55
CA SER A 411 17.13 11.29 -6.75
C SER A 411 17.54 12.69 -7.10
N ARG A 412 17.86 13.46 -6.05
CA ARG A 412 18.26 14.86 -6.16
C ARG A 412 19.50 15.12 -5.32
N ASP A 413 20.29 16.12 -5.74
CA ASP A 413 21.51 16.54 -5.03
C ASP A 413 21.13 17.04 -3.66
N LEU A 414 21.78 16.50 -2.63
CA LEU A 414 21.49 16.88 -1.25
C LEU A 414 21.88 18.33 -0.95
N PHE A 415 22.59 18.98 -1.89
CA PHE A 415 22.98 20.37 -1.73
C PHE A 415 22.15 21.35 -2.61
N THR A 416 22.41 21.37 -3.91
CA THR A 416 21.67 22.18 -4.88
C THR A 416 20.17 21.86 -4.97
N ASN A 417 19.84 20.60 -4.67
CA ASN A 417 18.51 19.99 -4.90
C ASN A 417 18.06 19.75 -6.37
N GLU A 418 18.96 19.30 -7.23
CA GLU A 418 18.64 19.15 -8.65
C GLU A 418 18.59 17.69 -9.05
N LEU A 419 17.72 17.35 -10.00
CA LEU A 419 17.73 16.02 -10.58
C LEU A 419 19.17 15.60 -10.87
N ASN A 420 19.64 14.53 -10.26
CA ASN A 420 21.03 14.15 -10.47
C ASN A 420 21.29 12.72 -10.96
N ASP A 421 20.31 12.14 -11.65
CA ASP A 421 20.52 10.94 -12.47
C ASP A 421 21.38 11.31 -13.69
N TRP A 422 22.09 10.32 -14.26
CA TRP A 422 22.79 10.51 -15.52
C TRP A 422 21.76 11.05 -16.50
N ASN A 423 22.11 12.06 -17.28
CA ASN A 423 21.16 12.63 -18.23
C ASN A 423 21.83 12.77 -19.58
N SER A 424 21.32 12.00 -20.55
CA SER A 424 21.94 11.81 -21.88
C SER A 424 21.51 12.82 -22.92
N LEU A 425 22.47 13.34 -23.68
CA LEU A 425 22.16 14.29 -24.74
C LEU A 425 21.39 13.56 -25.83
N SER A 426 21.89 12.41 -26.23
CA SER A 426 21.30 11.58 -27.27
C SER A 426 19.86 11.18 -26.99
N GLN A 427 19.57 10.86 -25.74
CA GLN A 427 18.24 10.44 -25.37
C GLN A 427 17.28 11.61 -25.57
N PHE A 428 17.76 12.79 -25.19
CA PHE A 428 17.00 14.01 -25.28
C PHE A 428 16.72 14.32 -26.70
N GLU A 429 17.78 14.33 -27.50
CA GLU A 429 17.70 14.57 -28.94
C GLU A 429 16.77 13.59 -29.67
N SER A 430 16.92 12.29 -29.41
CA SER A 430 16.17 11.30 -30.18
C SER A 430 14.69 11.34 -29.86
N LYS A 431 14.41 11.45 -28.58
CA LYS A 431 13.04 11.54 -28.07
C LYS A 431 12.29 12.66 -28.80
N GLU A 432 12.99 13.74 -29.05
CA GLU A 432 12.43 14.95 -29.58
C GLU A 432 12.42 14.95 -31.11
N GLY A 433 12.88 13.87 -31.73
CA GLY A 433 12.93 13.79 -33.18
C GLY A 433 13.99 14.66 -33.84
N ASN A 434 15.02 15.04 -33.09
CA ASN A 434 16.13 15.86 -33.59
C ASN A 434 17.35 15.05 -33.95
N LEU A 435 17.20 14.24 -34.97
CA LEU A 435 18.23 13.31 -35.39
C LEU A 435 19.04 13.83 -36.60
N TYR A 436 20.37 13.88 -36.47
CA TYR A 436 21.23 14.29 -37.57
C TYR A 436 20.87 13.55 -38.85
N CYS A 437 20.47 12.28 -38.71
CA CYS A 437 20.09 11.44 -39.84
C CYS A 437 18.92 11.97 -40.68
N ASP A 438 18.22 12.95 -40.11
CA ASP A 438 17.08 13.60 -40.76
C ASP A 438 17.42 14.99 -41.30
N LEU A 439 18.70 15.33 -41.22
CA LEU A 439 19.21 16.60 -41.70
C LEU A 439 19.90 16.42 -43.03
N ASN A 440 19.58 17.32 -43.96
CA ASN A 440 19.95 17.21 -45.36
C ASN A 440 21.32 17.84 -45.65
N ASP A 441 21.48 19.11 -45.28
CA ASP A 441 22.69 19.84 -45.61
C ASP A 441 23.79 19.60 -44.56
N ASP A 442 25.04 19.79 -44.98
CA ASP A 442 26.19 19.55 -44.12
C ASP A 442 26.38 20.65 -43.06
N LEU A 443 25.87 21.85 -43.33
CA LEU A 443 26.07 22.98 -42.42
C LEU A 443 25.27 22.86 -41.15
N LYS A 444 23.98 22.57 -41.28
CA LYS A 444 23.08 22.49 -40.13
C LYS A 444 23.45 21.33 -39.21
N ILE A 445 23.89 20.23 -39.79
CA ILE A 445 24.43 19.13 -39.03
C ILE A 445 25.69 19.57 -38.27
N LEU A 446 26.56 20.31 -38.93
CA LEU A 446 27.81 20.74 -38.31
C LEU A 446 27.56 21.80 -37.25
N ASN A 447 26.51 22.61 -37.46
CA ASN A 447 26.16 23.69 -36.54
C ASN A 447 25.55 23.19 -35.24
N ARG A 448 24.75 22.14 -35.34
CA ARG A 448 24.20 21.43 -34.20
C ARG A 448 25.31 20.72 -33.44
N ILE A 449 26.16 19.99 -34.16
CA ILE A 449 27.30 19.25 -33.58
C ILE A 449 28.23 20.22 -32.85
N LEU A 450 28.39 21.41 -33.41
CA LEU A 450 29.20 22.45 -32.80
C LEU A 450 28.44 23.08 -31.65
N ASP A 451 27.20 22.69 -31.49
CA ASP A 451 26.34 23.31 -30.52
C ASP A 451 26.19 22.46 -29.27
N ALA A 452 26.50 21.18 -29.41
CA ALA A 452 26.16 20.17 -28.40
C ALA A 452 26.54 20.55 -26.97
N HIS A 453 27.80 20.90 -26.76
CA HIS A 453 28.31 21.24 -25.42
C HIS A 453 27.46 22.30 -24.72
N ASN A 454 26.80 23.14 -25.49
CA ASN A 454 25.84 24.12 -24.95
C ASN A 454 24.54 23.45 -24.55
N ILE A 455 23.96 22.67 -25.46
CA ILE A 455 22.75 21.91 -25.17
C ILE A 455 22.92 20.95 -23.97
N ILE A 456 24.08 20.31 -23.82
CA ILE A 456 24.33 19.46 -22.62
C ILE A 456 24.44 20.32 -21.37
N ASP A 457 24.91 21.57 -21.55
CA ASP A 457 25.03 22.53 -20.47
C ASP A 457 23.66 23.03 -20.04
N GLN A 458 22.83 23.36 -21.02
CA GLN A 458 21.47 23.82 -20.76
C GLN A 458 20.66 22.71 -20.13
N LEU A 459 21.05 21.48 -20.41
CA LEU A 459 20.37 20.28 -19.93
C LEU A 459 20.55 20.06 -18.43
N GLN A 460 21.81 20.15 -17.97
CA GLN A 460 22.23 19.80 -16.60
C GLN A 460 21.74 20.73 -15.49
N ASP A 461 21.35 21.97 -15.83
CA ASP A 461 20.77 22.92 -14.86
C ASP A 461 19.84 23.95 -15.52
N LYS A 462 18.82 23.46 -16.23
CA LYS A 462 17.83 24.29 -16.95
C LYS A 462 16.75 24.66 -15.94
N PRO A 463 15.80 25.56 -16.31
CA PRO A 463 14.45 25.40 -15.73
C PRO A 463 13.86 24.10 -16.31
N GLU A 464 14.45 22.97 -15.91
CA GLU A 464 14.36 21.68 -16.59
C GLU A 464 13.30 20.71 -16.04
N ASN A 465 12.06 21.16 -16.10
CA ASN A 465 10.95 20.26 -16.29
C ASN A 465 10.93 20.04 -17.81
N TYR A 466 11.74 20.87 -18.49
CA TYR A 466 11.85 20.91 -19.95
C TYR A 466 12.76 19.80 -20.46
N GLY A 467 12.36 19.20 -21.59
CA GLY A 467 12.89 17.91 -22.03
C GLY A 467 11.92 16.89 -21.46
N ASN A 468 10.91 16.51 -22.26
CA ASN A 468 9.67 15.89 -21.74
C ASN A 468 9.76 14.74 -20.74
N THR A 469 8.94 14.88 -19.69
CA THR A 469 8.89 13.90 -18.60
C THR A 469 8.22 12.62 -19.09
N LEU A 470 6.99 12.77 -19.59
CA LEU A 470 6.06 11.69 -19.93
C LEU A 470 6.34 11.01 -21.28
N LYS A 471 7.00 11.75 -22.18
CA LYS A 471 7.23 11.35 -23.58
C LYS A 471 8.09 10.09 -23.71
N GLU A 472 7.63 9.17 -24.56
CA GLU A 472 8.39 7.98 -24.92
C GLU A 472 9.20 8.19 -26.21
N ASN A 473 10.36 7.56 -26.26
CA ASN A 473 11.27 7.65 -27.37
C ASN A 473 11.02 6.57 -28.42
N PHE A 474 10.57 7.00 -29.60
CA PHE A 474 10.24 6.12 -30.70
C PHE A 474 11.12 6.32 -31.94
N ALA A 475 12.32 6.86 -31.74
CA ALA A 475 13.25 7.03 -32.85
C ALA A 475 13.51 5.66 -33.48
N PRO A 476 13.72 5.62 -34.80
CA PRO A 476 13.98 4.35 -35.43
C PRO A 476 15.40 3.91 -35.08
N LEU A 477 15.59 2.63 -34.81
CA LEU A 477 16.89 2.06 -34.48
C LEU A 477 18.09 2.55 -35.30
N GLU A 478 18.07 2.41 -36.63
CA GLU A 478 19.22 2.90 -37.41
C GLU A 478 19.64 4.34 -37.12
N LYS A 479 18.68 5.26 -37.08
CA LYS A 479 19.04 6.65 -36.85
C LYS A 479 19.48 6.86 -35.42
N ALA A 480 19.02 6.01 -34.52
CA ALA A 480 19.36 6.14 -33.15
C ALA A 480 20.84 5.81 -32.94
N ILE A 481 21.30 4.68 -33.50
CA ILE A 481 22.70 4.25 -33.39
C ILE A 481 23.65 5.34 -33.89
N VAL A 482 23.33 5.92 -35.02
CA VAL A 482 24.13 6.98 -35.58
C VAL A 482 24.29 8.12 -34.57
N GLN A 483 23.22 8.46 -33.85
CA GLN A 483 23.25 9.57 -32.89
C GLN A 483 24.13 9.16 -31.77
N SER A 484 23.87 7.96 -31.29
CA SER A 484 24.58 7.45 -30.16
C SER A 484 26.06 7.52 -30.49
N ILE A 485 26.39 7.20 -31.74
CA ILE A 485 27.76 7.13 -32.16
C ILE A 485 28.32 8.52 -32.31
N ALA A 486 27.59 9.39 -32.99
CA ALA A 486 28.05 10.75 -33.25
C ALA A 486 28.33 11.53 -31.97
N ASN A 487 27.48 11.32 -30.97
CA ASN A 487 27.54 12.13 -29.77
C ASN A 487 28.57 11.59 -28.82
N ALA A 488 28.84 10.32 -28.94
CA ALA A 488 29.78 9.68 -28.05
C ALA A 488 31.20 10.11 -28.42
N SER A 489 31.38 10.45 -29.70
CA SER A 489 32.68 10.85 -30.19
C SER A 489 32.91 12.30 -29.84
N ILE A 490 31.99 13.15 -30.28
CA ILE A 490 32.18 14.59 -30.13
C ILE A 490 32.14 15.03 -28.67
N THR A 491 31.49 14.26 -27.81
CA THR A 491 31.43 14.64 -26.40
C THR A 491 32.56 14.02 -25.56
N ALA A 492 33.34 13.11 -26.14
CA ALA A 492 34.51 12.53 -25.45
C ALA A 492 35.91 12.62 -26.11
N ASP A 493 36.13 11.76 -27.11
CA ASP A 493 37.40 11.61 -27.80
C ASP A 493 37.06 11.24 -29.23
N VAL A 494 36.96 12.27 -30.08
CA VAL A 494 36.39 12.15 -31.43
C VAL A 494 36.96 11.06 -32.34
N THR A 495 38.26 10.78 -32.16
CA THR A 495 39.05 9.86 -32.97
C THR A 495 38.51 8.43 -32.96
N ARG A 496 37.72 8.14 -31.94
CA ARG A 496 37.20 6.80 -31.72
C ARG A 496 35.99 6.43 -32.59
N MET A 497 35.48 7.40 -33.34
CA MET A 497 34.41 7.19 -34.34
C MET A 497 34.63 5.99 -35.25
N ASN A 498 35.85 5.81 -35.74
CA ASN A 498 36.16 4.64 -36.55
C ASN A 498 35.95 3.36 -35.79
N SER A 499 36.54 3.31 -34.58
CA SER A 499 36.42 2.15 -33.72
C SER A 499 34.97 1.83 -33.49
N PHE A 500 34.19 2.84 -33.12
CA PHE A 500 32.75 2.70 -32.89
C PHE A 500 32.00 2.16 -34.10
N TYR A 501 32.29 2.68 -35.29
CA TYR A 501 31.57 2.25 -36.48
C TYR A 501 31.92 0.83 -36.95
N SER A 502 32.95 0.27 -36.35
CA SER A 502 33.42 -1.04 -36.71
C SER A 502 33.48 -2.01 -35.54
N ASN A 503 32.75 -1.65 -34.47
CA ASN A 503 32.38 -2.55 -33.36
C ASN A 503 31.01 -2.14 -32.87
N ILE A 504 29.96 -2.55 -33.56
CA ILE A 504 28.62 -2.40 -33.03
C ILE A 504 28.14 -3.75 -32.56
N LEU A 505 28.00 -3.92 -31.26
CA LEU A 505 27.54 -5.19 -30.77
C LEU A 505 26.05 -5.21 -30.85
N ILE A 506 25.50 -6.31 -31.31
CA ILE A 506 24.08 -6.44 -31.23
C ILE A 506 23.84 -7.55 -30.24
N VAL A 507 23.14 -7.23 -29.15
CA VAL A 507 23.08 -8.15 -28.02
C VAL A 507 21.65 -8.14 -27.51
N GLY A 508 21.26 -9.07 -26.66
CA GLY A 508 19.88 -9.01 -26.18
C GLY A 508 18.88 -9.96 -26.81
N GLY A 509 17.99 -10.47 -26.01
CA GLY A 509 17.18 -11.56 -26.43
C GLY A 509 16.44 -11.34 -27.71
N SER A 510 16.02 -10.12 -27.99
CA SER A 510 15.18 -9.82 -29.16
C SER A 510 16.00 -9.69 -30.38
N SER A 511 17.32 -9.72 -30.24
CA SER A 511 18.20 -9.49 -31.36
C SER A 511 18.47 -10.81 -32.10
N LYS A 512 18.00 -11.91 -31.53
CA LYS A 512 18.15 -13.24 -32.12
C LYS A 512 17.43 -13.41 -33.44
N ILE A 513 16.75 -12.38 -33.92
CA ILE A 513 16.19 -12.46 -35.25
C ILE A 513 17.37 -12.64 -36.21
N PRO A 514 17.23 -13.58 -37.16
CA PRO A 514 18.22 -13.88 -38.18
C PRO A 514 18.31 -12.80 -39.28
N ALA A 515 19.52 -12.44 -39.65
CA ALA A 515 19.78 -11.41 -40.63
C ALA A 515 19.48 -9.99 -40.10
N LEU A 516 19.35 -9.85 -38.79
CA LEU A 516 19.17 -8.52 -38.23
C LEU A 516 20.38 -7.66 -38.56
N ASP A 517 21.55 -8.20 -38.29
CA ASP A 517 22.82 -7.53 -38.58
C ASP A 517 22.92 -7.12 -40.06
N PHE A 518 22.26 -7.88 -40.94
CA PHE A 518 22.27 -7.60 -42.39
C PHE A 518 21.46 -6.35 -42.69
N ILE A 519 20.16 -6.37 -42.40
CA ILE A 519 19.27 -5.24 -42.72
C ILE A 519 19.68 -3.97 -41.99
N LEU A 520 20.34 -4.14 -40.86
CA LEU A 520 20.67 -3.01 -40.05
C LEU A 520 21.77 -2.26 -40.73
N THR A 521 22.75 -3.01 -41.23
CA THR A 521 23.92 -2.43 -41.90
C THR A 521 23.43 -1.67 -43.11
N ASP A 522 22.57 -2.32 -43.90
CA ASP A 522 21.96 -1.72 -45.07
C ASP A 522 21.44 -0.36 -44.74
N ARG A 523 20.75 -0.28 -43.62
CA ARG A 523 20.02 0.94 -43.26
C ARG A 523 20.91 2.06 -42.76
N ILE A 524 21.80 1.78 -41.81
CA ILE A 524 22.70 2.83 -41.32
C ILE A 524 23.37 3.48 -42.51
N ASN A 525 23.79 2.65 -43.44
CA ASN A 525 24.50 3.14 -44.62
C ASN A 525 23.65 4.02 -45.52
N ILE A 526 22.34 3.74 -45.57
CA ILE A 526 21.39 4.61 -46.27
C ILE A 526 21.27 5.91 -45.47
N TRP A 527 21.23 5.79 -44.15
CA TRP A 527 20.79 6.89 -43.31
C TRP A 527 21.91 7.72 -42.75
N ARG A 528 23.08 7.13 -42.48
CA ARG A 528 24.18 7.93 -41.91
C ARG A 528 24.58 9.01 -42.92
N PRO A 529 24.48 10.28 -42.50
CA PRO A 529 24.77 11.36 -43.44
C PRO A 529 26.20 11.29 -43.93
N SER A 530 26.46 11.87 -45.11
CA SER A 530 27.78 11.84 -45.72
C SER A 530 28.81 12.58 -44.89
N LEU A 531 28.38 13.63 -44.20
CA LEU A 531 29.30 14.40 -43.37
C LEU A 531 29.85 13.57 -42.19
N LEU A 532 29.03 12.65 -41.72
CA LEU A 532 29.39 11.80 -40.61
C LEU A 532 29.84 10.42 -41.10
N SER A 533 30.02 10.31 -42.42
CA SER A 533 30.53 9.10 -43.06
C SER A 533 32.02 9.21 -43.39
N SER A 534 32.49 10.42 -43.64
CA SER A 534 33.86 10.62 -44.04
C SER A 534 34.80 10.22 -42.93
N ALA A 535 35.60 9.18 -43.18
CA ALA A 535 36.56 8.68 -42.21
C ALA A 535 37.49 9.77 -41.70
N SER A 536 37.50 10.92 -42.33
CA SER A 536 38.35 12.00 -41.88
C SER A 536 37.57 13.08 -41.17
N PHE A 537 36.30 12.83 -40.88
CA PHE A 537 35.53 13.86 -40.16
C PHE A 537 36.22 14.25 -38.84
N PRO A 538 36.50 13.27 -37.93
CA PRO A 538 37.03 13.64 -36.60
C PRO A 538 38.25 14.55 -36.67
N GLN A 539 39.19 14.20 -37.54
CA GLN A 539 40.41 14.96 -37.76
C GLN A 539 40.08 16.36 -38.26
N PHE A 540 38.98 16.47 -39.00
CA PHE A 540 38.48 17.74 -39.51
C PHE A 540 37.86 18.52 -38.37
N TYR A 541 36.91 17.89 -37.68
CA TYR A 541 36.20 18.51 -36.56
C TYR A 541 37.19 18.90 -35.48
N LYS A 542 38.28 18.15 -35.38
CA LYS A 542 39.32 18.42 -34.40
C LYS A 542 40.07 19.67 -34.80
N LYS A 543 40.15 19.93 -36.10
CA LYS A 543 40.79 21.15 -36.61
C LYS A 543 39.87 22.39 -36.47
N LEU A 544 38.60 22.24 -36.81
CA LEU A 544 37.62 23.31 -36.71
C LEU A 544 37.44 23.85 -35.29
N THR A 545 37.53 22.97 -34.30
CA THR A 545 37.37 23.31 -32.89
C THR A 545 38.56 24.14 -32.43
N LYS A 546 39.71 23.89 -33.05
CA LYS A 546 40.94 24.58 -32.71
C LYS A 546 40.93 26.00 -33.27
N GLU A 547 40.60 26.13 -34.56
CA GLU A 547 40.52 27.43 -35.21
C GLU A 547 39.36 28.30 -34.71
N ILE A 548 38.36 27.67 -34.12
CA ILE A 548 37.29 28.39 -33.42
C ILE A 548 37.81 28.85 -32.06
N LYS A 549 38.59 27.99 -31.40
CA LYS A 549 39.24 28.37 -30.14
C LYS A 549 40.25 29.50 -30.37
N ASP A 550 40.88 29.52 -31.55
CA ASP A 550 41.83 30.58 -31.94
C ASP A 550 41.15 31.89 -32.34
N LEU A 551 39.83 31.97 -32.14
CA LEU A 551 39.09 33.21 -32.36
C LEU A 551 38.65 33.87 -31.04
N GLU A 552 38.21 33.05 -30.07
CA GLU A 552 37.92 33.56 -28.72
C GLU A 552 39.23 33.77 -27.95
N GLY A 553 40.23 32.95 -28.28
CA GLY A 553 41.50 32.91 -27.56
C GLY A 553 42.55 33.91 -28.00
N HIS A 554 43.12 33.71 -29.20
CA HIS A 554 44.13 34.65 -29.73
C HIS A 554 43.50 35.95 -30.26
N TYR A 555 42.34 36.29 -29.71
CA TYR A 555 41.77 37.64 -29.77
C TYR A 555 41.16 38.02 -28.41
N VAL A 556 41.98 37.95 -27.35
CA VAL A 556 41.55 38.27 -25.96
C VAL A 556 41.52 39.77 -25.64
N ASN A 557 41.62 40.61 -26.66
CA ASN A 557 41.34 42.04 -26.53
C ASN A 557 40.03 42.37 -27.26
N ALA A 558 39.21 43.21 -26.62
CA ALA A 558 37.87 43.57 -27.14
C ALA A 558 37.91 43.88 -28.64
N PRO A 559 37.06 43.18 -29.44
CA PRO A 559 37.09 43.16 -30.90
C PRO A 559 37.28 44.54 -31.58
N ASP A 560 37.87 44.52 -32.79
CA ASP A 560 38.44 45.71 -33.48
C ASP A 560 37.67 47.05 -33.39
N LYS A 561 36.34 47.00 -33.39
CA LYS A 561 35.50 48.19 -33.24
C LYS A 561 35.73 48.85 -31.87
N THR A 562 35.81 50.18 -31.86
CA THR A 562 36.08 50.93 -30.65
C THR A 562 34.99 50.76 -29.59
N GLU A 563 33.74 50.77 -30.03
CA GLU A 563 32.58 50.66 -29.13
C GLU A 563 31.68 49.52 -29.57
N ASP A 564 31.41 48.59 -28.67
CA ASP A 564 30.57 47.44 -29.04
C ASP A 564 29.77 46.82 -27.90
N GLU A 565 28.65 46.20 -28.28
CA GLU A 565 27.83 45.38 -27.40
C GLU A 565 27.43 44.12 -28.16
N ASN A 566 27.33 44.25 -29.48
CA ASN A 566 26.98 43.16 -30.37
C ASN A 566 28.22 42.58 -31.06
N LYS A 567 29.35 43.29 -30.94
CA LYS A 567 30.57 42.97 -31.69
C LYS A 567 31.16 41.58 -31.40
N GLN A 568 30.53 40.83 -30.52
CA GLN A 568 30.86 39.43 -30.43
C GLN A 568 30.22 38.68 -31.61
N ILE A 569 29.30 39.35 -32.31
CA ILE A 569 28.69 38.78 -33.52
C ILE A 569 29.55 38.99 -34.77
N LEU A 570 30.40 40.02 -34.75
CA LEU A 570 31.36 40.22 -35.85
C LEU A 570 32.44 39.13 -35.77
N GLN A 571 32.70 38.65 -34.56
CA GLN A 571 33.46 37.41 -34.35
C GLN A 571 32.57 36.17 -34.27
N ALA A 572 31.25 36.36 -34.18
CA ALA A 572 30.29 35.25 -34.31
C ALA A 572 29.99 34.99 -35.79
N GLN A 573 30.04 36.06 -36.58
CA GLN A 573 29.94 35.96 -38.04
C GLN A 573 31.27 35.57 -38.69
N ILE A 574 32.39 35.75 -37.98
CA ILE A 574 33.68 35.22 -38.43
C ILE A 574 33.79 33.73 -38.08
N LYS A 575 33.23 33.36 -36.93
CA LYS A 575 32.99 31.96 -36.63
C LYS A 575 32.19 31.39 -37.77
N GLU A 576 30.97 31.92 -37.96
CA GLU A 576 30.09 31.44 -39.03
C GLU A 576 30.83 31.29 -40.36
N LYS A 577 31.80 32.16 -40.62
CA LYS A 577 32.57 32.09 -41.85
C LYS A 577 33.60 30.97 -41.82
N ILE A 578 34.46 30.97 -40.80
CA ILE A 578 35.52 29.95 -40.68
C ILE A 578 34.92 28.56 -40.71
N VAL A 579 33.72 28.44 -40.17
CA VAL A 579 32.90 27.25 -40.33
C VAL A 579 32.78 26.90 -41.82
N GLU A 580 32.23 27.82 -42.61
CA GLU A 580 32.01 27.60 -44.04
C GLU A 580 33.30 27.53 -44.84
N GLU A 581 34.33 28.21 -44.34
CA GLU A 581 35.65 28.24 -44.97
C GLU A 581 36.30 26.87 -44.90
N LEU A 582 36.23 26.26 -43.73
CA LEU A 582 36.77 24.93 -43.53
C LEU A 582 35.79 23.87 -44.04
N GLU A 583 34.51 24.09 -43.77
CA GLU A 583 33.43 23.27 -44.31
C GLU A 583 33.55 23.13 -45.84
N GLU A 584 33.74 24.24 -46.54
CA GLU A 584 34.03 24.20 -47.96
C GLU A 584 35.40 23.58 -48.21
N GLN A 585 36.44 24.05 -47.51
CA GLN A 585 37.82 23.60 -47.73
C GLN A 585 37.90 22.08 -47.74
N HIS A 586 37.25 21.48 -46.75
CA HIS A 586 37.18 20.04 -46.59
C HIS A 586 36.44 19.32 -47.73
N GLN A 587 35.44 19.97 -48.33
CA GLN A 587 34.70 19.39 -49.46
C GLN A 587 35.51 19.43 -50.75
N ASN A 588 36.23 20.52 -50.96
CA ASN A 588 37.20 20.59 -52.06
C ASN A 588 38.34 19.61 -51.78
N ILE A 589 38.67 19.48 -50.49
CA ILE A 589 39.64 18.49 -50.01
C ILE A 589 39.08 17.06 -50.21
N GLU A 590 37.78 16.94 -50.45
CA GLU A 590 37.11 15.63 -50.53
C GLU A 590 37.15 14.90 -51.87
N HIS A 591 37.31 15.62 -52.97
CA HIS A 591 37.44 14.94 -54.27
C HIS A 591 38.57 13.90 -54.17
N GLN A 592 39.64 14.29 -53.47
CA GLN A 592 40.83 13.46 -53.20
C GLN A 592 41.50 12.91 -54.46
N ASN A 593 41.17 13.52 -55.61
CA ASN A 593 41.71 13.11 -56.93
C ASN A 593 41.51 11.63 -57.24
N GLY A 594 40.60 10.99 -56.48
CA GLY A 594 40.34 9.56 -56.58
C GLY A 594 39.66 8.97 -55.36
N ASN A 595 39.99 7.71 -55.07
CA ASN A 595 39.33 6.88 -54.03
C ASN A 595 38.99 7.57 -52.72
N GLU A 596 37.95 7.04 -52.04
CA GLU A 596 37.44 7.66 -50.81
C GLU A 596 37.51 6.76 -49.56
N HIS A 597 38.01 7.36 -48.48
CA HIS A 597 38.05 6.80 -47.14
C HIS A 597 36.68 7.05 -46.49
N ILE A 598 36.02 6.01 -46.00
CA ILE A 598 34.66 6.15 -45.45
C ILE A 598 34.38 5.09 -44.36
N PHE A 599 33.95 5.52 -43.18
CA PHE A 599 33.69 4.63 -42.03
C PHE A 599 32.90 3.40 -42.42
N PRO A 600 33.25 2.25 -41.83
CA PRO A 600 32.54 1.01 -42.13
C PRO A 600 31.27 0.94 -41.28
N VAL A 601 30.50 -0.14 -41.41
CA VAL A 601 29.39 -0.36 -40.49
C VAL A 601 29.44 -1.83 -40.07
N SER A 602 30.29 -2.16 -39.09
CA SER A 602 30.51 -3.54 -38.70
C SER A 602 29.64 -3.95 -37.54
N ILE A 603 28.50 -4.55 -37.83
CA ILE A 603 27.57 -4.97 -36.81
C ILE A 603 27.86 -6.42 -36.48
N ILE A 604 28.11 -6.72 -35.22
CA ILE A 604 28.64 -8.03 -34.82
C ILE A 604 27.70 -8.87 -33.95
N PRO A 605 27.06 -9.91 -34.51
CA PRO A 605 26.17 -10.64 -33.62
C PRO A 605 26.97 -11.69 -32.89
N PRO A 606 26.43 -12.21 -31.78
CA PRO A 606 27.15 -13.36 -31.26
C PRO A 606 26.97 -14.54 -32.20
N PRO A 607 27.82 -15.55 -32.07
CA PRO A 607 27.69 -16.67 -33.00
C PRO A 607 26.29 -17.26 -32.92
N ARG A 608 25.79 -17.73 -34.06
CA ARG A 608 24.64 -18.61 -34.06
C ARG A 608 24.92 -19.68 -33.01
N ASP A 609 23.92 -19.99 -32.20
CA ASP A 609 23.99 -20.94 -31.08
C ASP A 609 24.69 -20.42 -29.80
N MET A 610 24.88 -19.11 -29.71
CA MET A 610 25.07 -18.45 -28.40
C MET A 610 23.88 -17.53 -28.13
N ASN A 611 23.56 -17.33 -26.85
CA ASN A 611 22.33 -16.61 -26.49
C ASN A 611 22.65 -15.17 -26.22
N PRO A 612 22.25 -14.26 -27.12
CA PRO A 612 22.58 -12.88 -26.88
C PRO A 612 21.98 -12.31 -25.56
N ALA A 613 20.90 -12.89 -25.08
CA ALA A 613 20.24 -12.48 -23.85
C ALA A 613 21.17 -12.57 -22.65
N LEU A 614 22.23 -13.37 -22.78
CA LEU A 614 23.03 -13.80 -21.63
C LEU A 614 24.46 -13.29 -21.61
N ILE A 615 24.88 -12.58 -22.66
CA ILE A 615 26.20 -11.97 -22.67
C ILE A 615 26.38 -11.11 -21.45
N ILE A 616 25.34 -10.37 -21.07
CA ILE A 616 25.43 -9.37 -20.00
C ILE A 616 25.72 -10.06 -18.68
N TRP A 617 24.94 -11.05 -18.33
CA TRP A 617 25.24 -11.76 -17.11
C TRP A 617 26.67 -12.26 -17.22
N LYS A 618 27.02 -12.94 -18.32
CA LYS A 618 28.39 -13.49 -18.48
C LYS A 618 29.46 -12.47 -18.14
N GLY A 619 29.30 -11.25 -18.66
CA GLY A 619 30.20 -10.14 -18.45
C GLY A 619 30.25 -9.82 -16.98
N ALA A 620 29.08 -9.69 -16.36
CA ALA A 620 29.04 -9.39 -14.94
C ALA A 620 29.73 -10.49 -14.15
N SER A 621 29.65 -11.72 -14.61
CA SER A 621 30.30 -12.79 -13.91
C SER A 621 31.81 -12.82 -14.18
N VAL A 622 32.24 -12.18 -15.25
CA VAL A 622 33.67 -12.05 -15.52
C VAL A 622 34.23 -11.06 -14.50
N LEU A 623 33.59 -9.91 -14.35
CA LEU A 623 33.93 -8.94 -13.33
C LEU A 623 33.99 -9.65 -11.99
N ALA A 624 32.98 -10.44 -11.68
CA ALA A 624 32.87 -11.01 -10.36
C ALA A 624 34.10 -11.85 -10.00
N GLN A 625 34.90 -12.17 -11.01
CA GLN A 625 35.97 -13.17 -10.91
C GLN A 625 37.38 -12.58 -10.98
N ILE A 626 37.50 -11.25 -11.03
CA ILE A 626 38.82 -10.64 -11.12
C ILE A 626 39.15 -9.82 -9.89
N LYS A 627 40.39 -9.37 -9.84
CA LYS A 627 40.91 -8.48 -8.80
C LYS A 627 40.05 -7.26 -8.53
N LEU A 628 39.53 -6.64 -9.58
CA LEU A 628 38.75 -5.45 -9.42
C LEU A 628 37.62 -5.60 -8.38
N VAL A 629 36.60 -6.44 -8.64
CA VAL A 629 35.40 -6.45 -7.79
C VAL A 629 35.70 -6.11 -6.36
N GLU A 630 36.80 -6.62 -5.84
CA GLU A 630 37.22 -6.46 -4.46
C GLU A 630 37.06 -5.02 -3.95
N GLU A 631 37.63 -4.08 -4.70
CA GLU A 631 37.55 -2.64 -4.41
C GLU A 631 36.14 -2.05 -4.53
N LEU A 632 35.17 -2.80 -5.07
CA LEU A 632 33.87 -2.27 -5.49
C LEU A 632 32.66 -2.81 -4.73
N PHE A 633 32.87 -3.75 -3.81
CA PHE A 633 31.77 -4.29 -2.99
C PHE A 633 31.41 -3.30 -1.89
N ILE A 634 30.14 -2.91 -1.87
CA ILE A 634 29.61 -2.13 -0.77
C ILE A 634 29.18 -3.17 0.23
N THR A 635 29.90 -3.23 1.35
CA THR A 635 29.53 -4.13 2.44
C THR A 635 28.37 -3.53 3.25
N ASN A 636 27.88 -4.30 4.21
CA ASN A 636 26.80 -3.83 5.06
C ASN A 636 27.13 -2.62 5.89
N SER A 637 28.24 -2.70 6.62
CA SER A 637 28.72 -1.59 7.44
C SER A 637 28.93 -0.39 6.55
N ASP A 638 29.62 -0.59 5.41
CA ASP A 638 29.81 0.45 4.41
C ASP A 638 28.54 1.25 4.34
N TRP A 639 27.44 0.55 4.07
CA TRP A 639 26.15 1.14 3.79
C TRP A 639 25.53 1.86 4.99
N ASP A 640 25.64 1.23 6.16
CA ASP A 640 25.03 1.75 7.36
C ASP A 640 25.61 3.09 7.80
N VAL A 641 26.94 3.18 7.70
CA VAL A 641 27.72 4.36 8.03
C VAL A 641 27.44 5.49 7.01
N HIS A 642 27.65 5.19 5.74
CA HIS A 642 27.64 6.20 4.70
C HIS A 642 26.30 6.37 3.96
N GLY A 643 25.54 5.30 3.79
CA GLY A 643 24.34 5.39 2.98
C GLY A 643 24.73 5.47 1.52
N SER A 644 23.84 5.98 0.67
CA SER A 644 24.11 6.05 -0.75
C SER A 644 25.43 6.76 -1.08
N ARG A 645 25.96 7.49 -0.11
CA ARG A 645 27.18 8.24 -0.30
C ARG A 645 28.41 7.42 -0.74
N ILE A 646 28.52 6.15 -0.36
CA ILE A 646 29.70 5.36 -0.80
C ILE A 646 29.80 5.16 -2.30
N LEU A 647 28.67 5.22 -2.99
CA LEU A 647 28.68 5.01 -4.45
C LEU A 647 29.56 6.08 -5.08
N GLN A 648 29.80 7.13 -4.33
CA GLN A 648 30.69 8.18 -4.72
C GLN A 648 32.13 7.71 -4.63
N TYR A 649 32.38 6.66 -3.86
CA TYR A 649 33.75 6.20 -3.64
C TYR A 649 34.04 4.76 -4.04
N LYS A 650 33.02 3.91 -4.01
CA LYS A 650 33.14 2.51 -4.44
C LYS A 650 32.21 2.21 -5.63
N CYS A 651 32.72 2.33 -6.84
CA CYS A 651 31.85 2.24 -8.01
C CYS A 651 32.64 2.21 -9.30
N ILE A 652 32.28 1.30 -10.19
CA ILE A 652 33.04 1.10 -11.41
C ILE A 652 32.79 2.25 -12.41
N PHE A 653 31.72 3.00 -12.17
CA PHE A 653 31.40 4.14 -13.01
C PHE A 653 31.24 5.36 -12.13
N THR A 654 31.40 6.55 -12.72
CA THR A 654 31.22 7.76 -11.92
C THR A 654 29.75 7.89 -11.61
N TYR A 655 29.39 7.53 -10.39
CA TYR A 655 28.02 7.59 -9.98
C TYR A 655 27.43 8.98 -10.21
N GLU B 33 -6.76 -32.54 13.03
CA GLU B 33 -5.33 -32.24 12.76
C GLU B 33 -5.13 -31.31 11.54
N ILE B 34 -5.23 -31.87 10.32
CA ILE B 34 -5.37 -31.07 9.10
C ILE B 34 -6.64 -30.22 9.24
N ASP B 35 -6.67 -29.03 8.64
CA ASP B 35 -7.90 -28.25 8.71
C ASP B 35 -8.66 -28.21 7.39
N LEU B 36 -9.98 -28.35 7.50
CA LEU B 36 -10.89 -27.98 6.46
C LEU B 36 -11.57 -26.72 6.99
N ASN B 37 -12.55 -26.21 6.26
CA ASN B 37 -13.34 -25.11 6.78
C ASN B 37 -14.75 -25.56 7.17
N ASP B 38 -14.86 -25.79 8.47
CA ASP B 38 -16.03 -26.35 9.12
C ASP B 38 -16.11 -25.73 10.54
N PRO B 39 -17.28 -25.18 10.89
CA PRO B 39 -17.38 -24.35 12.08
C PRO B 39 -17.23 -25.08 13.42
N THR B 40 -17.27 -26.41 13.45
CA THR B 40 -17.09 -27.11 14.72
C THR B 40 -15.65 -27.07 15.22
N ALA B 41 -14.70 -27.03 14.28
CA ALA B 41 -13.27 -26.86 14.59
C ALA B 41 -12.89 -25.38 14.63
N THR B 42 -13.76 -24.58 15.24
CA THR B 42 -13.63 -23.14 15.27
C THR B 42 -13.96 -22.65 16.65
N ILE B 43 -13.11 -21.78 17.19
CA ILE B 43 -13.32 -21.12 18.49
C ILE B 43 -13.51 -19.64 18.25
N VAL B 44 -14.56 -19.05 18.79
CA VAL B 44 -14.74 -17.62 18.60
C VAL B 44 -14.41 -16.85 19.89
N ILE B 45 -13.55 -15.83 19.78
CA ILE B 45 -12.98 -15.11 20.95
C ILE B 45 -13.35 -13.62 20.93
N HIS B 46 -13.98 -13.13 22.01
CA HIS B 46 -14.23 -11.68 22.10
C HIS B 46 -13.70 -10.97 23.38
N PRO B 47 -12.44 -10.47 23.29
CA PRO B 47 -11.70 -9.86 24.40
C PRO B 47 -12.18 -8.45 24.73
N GLY B 48 -12.40 -8.18 26.01
CA GLY B 48 -12.74 -6.83 26.40
C GLY B 48 -12.35 -6.53 27.83
N SER B 49 -12.39 -5.23 28.16
CA SER B 49 -11.97 -4.73 29.44
C SER B 49 -12.43 -5.63 30.56
N ASN B 50 -13.73 -5.91 30.58
CA ASN B 50 -14.37 -6.53 31.76
C ASN B 50 -14.30 -8.05 31.78
N SER B 51 -14.53 -8.66 30.62
CA SER B 51 -14.47 -10.11 30.47
C SER B 51 -14.03 -10.56 29.07
N ILE B 52 -13.74 -11.86 28.93
CA ILE B 52 -13.44 -12.46 27.63
C ILE B 52 -14.51 -13.51 27.30
N LYS B 53 -14.94 -13.50 26.04
CA LYS B 53 -16.00 -14.38 25.58
C LYS B 53 -15.38 -15.41 24.67
N ILE B 54 -15.44 -16.66 25.09
CA ILE B 54 -14.87 -17.76 24.32
C ILE B 54 -15.84 -18.93 24.24
N GLY B 55 -16.19 -19.35 23.03
CA GLY B 55 -17.01 -20.54 22.81
C GLY B 55 -16.98 -20.97 21.36
N PHE B 56 -17.56 -22.16 21.08
CA PHE B 56 -17.73 -22.66 19.70
C PHE B 56 -18.93 -21.96 19.08
N PRO B 57 -18.89 -21.72 17.78
CA PRO B 57 -19.87 -20.78 17.21
C PRO B 57 -21.33 -21.23 17.23
N LYS B 58 -21.56 -22.55 17.26
CA LYS B 58 -22.93 -23.12 17.28
C LYS B 58 -23.67 -22.88 18.60
N ASP B 59 -22.89 -22.75 19.67
CA ASP B 59 -23.38 -22.62 21.04
C ASP B 59 -24.36 -21.47 21.27
N ASP B 60 -25.32 -21.73 22.16
CA ASP B 60 -26.21 -20.71 22.68
C ASP B 60 -25.35 -19.57 23.20
N HIS B 61 -24.48 -19.88 24.17
CA HIS B 61 -23.65 -18.87 24.83
C HIS B 61 -22.13 -19.01 24.63
N PRO B 62 -21.38 -17.96 24.98
CA PRO B 62 -19.98 -18.18 25.22
C PRO B 62 -19.74 -18.29 26.69
N VAL B 63 -18.63 -18.90 27.10
CA VAL B 63 -18.17 -18.73 28.49
C VAL B 63 -17.55 -17.34 28.62
N VAL B 64 -18.01 -16.61 29.62
CA VAL B 64 -17.54 -15.26 29.85
C VAL B 64 -16.57 -15.30 31.03
N VAL B 65 -15.32 -14.89 30.75
CA VAL B 65 -14.21 -14.98 31.71
C VAL B 65 -13.62 -13.61 32.09
N PRO B 66 -13.73 -13.22 33.38
CA PRO B 66 -13.23 -11.90 33.72
C PRO B 66 -11.77 -11.70 33.28
N ASN B 67 -11.53 -10.54 32.69
CA ASN B 67 -10.20 -10.06 32.36
C ASN B 67 -9.47 -9.73 33.66
N CYS B 68 -8.92 -10.76 34.30
CA CYS B 68 -8.36 -10.64 35.65
C CYS B 68 -7.32 -11.68 35.95
N VAL B 69 -6.14 -11.21 36.32
CA VAL B 69 -5.12 -12.08 36.89
C VAL B 69 -4.74 -11.57 38.27
N ALA B 70 -4.71 -12.49 39.23
CA ALA B 70 -4.39 -12.20 40.60
C ALA B 70 -2.92 -12.51 40.89
N VAL B 71 -2.15 -11.49 41.26
CA VAL B 71 -0.71 -11.62 41.55
C VAL B 71 -0.37 -11.32 43.02
N PRO B 72 0.20 -12.31 43.75
CA PRO B 72 0.72 -12.15 45.10
C PRO B 72 1.49 -10.85 45.26
N LYS B 73 1.24 -10.15 46.36
CA LYS B 73 1.84 -8.85 46.61
C LYS B 73 3.24 -9.01 47.08
N LYS B 74 3.57 -10.23 47.53
CA LYS B 74 4.96 -10.56 47.90
C LYS B 74 5.88 -10.67 46.70
N TRP B 75 5.30 -10.88 45.51
CA TRP B 75 6.07 -11.05 44.31
C TRP B 75 6.32 -9.77 43.55
N LEU B 76 5.98 -8.64 44.14
CA LEU B 76 6.12 -7.39 43.41
C LEU B 76 6.79 -6.40 44.32
N ASP B 77 7.62 -5.53 43.78
CA ASP B 77 8.21 -4.48 44.61
C ASP B 77 7.24 -3.32 44.74
N LEU B 78 6.91 -3.01 46.00
CA LEU B 78 5.64 -2.36 46.33
C LEU B 78 5.58 -0.84 46.66
N GLU B 79 6.71 -0.19 46.89
CA GLU B 79 6.71 1.17 47.43
C GLU B 79 6.62 2.31 46.39
N ASN B 80 5.61 3.18 46.55
CA ASN B 80 5.37 4.40 45.72
C ASN B 80 4.88 4.28 44.26
N SER B 81 4.79 3.05 43.76
CA SER B 81 4.20 2.77 42.45
C SER B 81 2.97 1.92 42.75
N GLU B 82 3.15 1.04 43.73
CA GLU B 82 2.16 0.11 44.22
C GLU B 82 1.54 0.63 45.52
N HIS B 83 1.38 1.95 45.66
CA HIS B 83 0.67 2.40 46.87
C HIS B 83 -0.77 1.87 46.76
N VAL B 84 -0.99 0.74 47.44
CA VAL B 84 -2.16 -0.10 47.18
C VAL B 84 -3.46 0.69 47.38
N GLU B 85 -4.12 0.99 46.27
CA GLU B 85 -5.36 1.77 46.25
C GLU B 85 -6.57 0.91 46.62
N ASN B 86 -6.33 -0.37 46.85
CA ASN B 86 -7.33 -1.30 47.35
C ASN B 86 -7.88 -0.81 48.70
N VAL B 87 -6.97 -0.50 49.62
CA VAL B 87 -7.32 0.11 50.92
C VAL B 87 -7.35 1.65 50.84
N CYS B 88 -8.40 2.16 50.21
CA CYS B 88 -8.63 3.60 50.05
C CYS B 88 -10.13 3.85 49.84
N LEU B 89 -10.71 4.72 50.67
CA LEU B 89 -12.16 4.95 50.74
C LEU B 89 -12.60 6.29 50.13
N GLN B 90 -13.73 6.28 49.42
CA GLN B 90 -14.22 7.45 48.66
C GLN B 90 -14.83 8.61 49.48
N ARG B 91 -14.41 9.84 49.17
CA ARG B 91 -14.72 11.05 49.95
C ARG B 91 -15.84 11.94 49.38
N GLU B 92 -16.15 13.04 50.08
CA GLU B 92 -17.01 14.12 49.55
C GLU B 92 -16.18 15.19 48.81
N GLN B 93 -16.58 15.50 47.57
CA GLN B 93 -15.73 16.18 46.57
C GLN B 93 -15.63 17.70 46.60
N SER B 94 -14.85 18.26 45.67
CA SER B 94 -14.67 19.73 45.52
C SER B 94 -15.86 20.42 44.87
N GLU B 95 -15.71 21.73 44.67
CA GLU B 95 -16.81 22.62 44.28
C GLU B 95 -17.24 22.42 42.82
N GLU B 96 -16.25 22.27 41.94
CA GLU B 96 -16.50 21.96 40.53
C GLU B 96 -17.35 20.69 40.42
N PHE B 97 -17.08 19.70 41.25
CA PHE B 97 -17.87 18.47 41.30
C PHE B 97 -19.31 18.74 41.69
N ASN B 98 -19.49 19.45 42.80
CA ASN B 98 -20.80 19.77 43.36
C ASN B 98 -21.64 20.60 42.41
N ASN B 99 -21.00 21.52 41.71
CA ASN B 99 -21.64 22.29 40.64
C ASN B 99 -22.28 21.40 39.57
N ILE B 100 -21.58 20.34 39.19
CA ILE B 100 -22.06 19.42 38.18
C ILE B 100 -23.20 18.56 38.73
N LYS B 101 -23.16 18.30 40.03
CA LYS B 101 -24.18 17.53 40.74
C LYS B 101 -25.45 18.36 40.98
N SER B 102 -25.30 19.69 41.11
CA SER B 102 -26.44 20.62 41.19
C SER B 102 -27.29 20.55 39.94
N GLU B 103 -26.61 20.71 38.79
CA GLU B 103 -27.21 20.65 37.45
C GLU B 103 -27.95 19.34 37.14
N MET B 104 -27.35 18.24 37.55
CA MET B 104 -27.96 16.93 37.35
C MET B 104 -29.25 16.77 38.16
N GLU B 105 -29.26 17.27 39.40
CA GLU B 105 -30.48 17.33 40.19
C GLU B 105 -31.49 18.20 39.45
N LYS B 106 -31.03 19.37 39.01
CA LYS B 106 -31.84 20.34 38.29
C LYS B 106 -32.45 19.72 37.03
N ASN B 107 -31.62 18.95 36.30
CA ASN B 107 -32.04 18.28 35.07
C ASN B 107 -32.99 17.12 35.37
N PHE B 108 -32.79 16.52 36.54
CA PHE B 108 -33.66 15.48 37.04
C PHE B 108 -34.99 16.12 37.43
N ARG B 109 -34.93 17.35 37.97
CA ARG B 109 -36.13 18.07 38.42
C ARG B 109 -36.91 18.77 37.32
N GLU B 110 -36.37 18.80 36.10
CA GLU B 110 -37.17 19.21 34.95
C GLU B 110 -37.91 17.98 34.44
N ARG B 111 -37.27 16.82 34.57
CA ARG B 111 -37.83 15.57 34.08
C ARG B 111 -38.90 15.01 35.00
N MET B 112 -38.88 15.42 36.25
CA MET B 112 -39.92 14.97 37.17
C MET B 112 -41.13 15.89 37.09
N ARG B 113 -40.89 17.19 37.14
CA ARG B 113 -41.94 18.19 37.00
C ARG B 113 -42.78 17.88 35.75
N TYR B 114 -42.12 17.80 34.60
CA TYR B 114 -42.79 17.61 33.31
C TYR B 114 -43.61 16.35 33.26
N TYR B 115 -42.97 15.22 33.54
CA TYR B 115 -43.63 13.93 33.36
C TYR B 115 -44.71 13.61 34.42
N LYS B 116 -44.32 13.35 35.68
CA LYS B 116 -45.32 12.83 36.66
C LYS B 116 -45.25 13.19 38.16
N ARG B 117 -44.23 12.70 38.87
CA ARG B 117 -44.35 12.41 40.32
C ARG B 117 -44.17 13.55 41.33
N LYS B 118 -44.84 13.39 42.48
CA LYS B 118 -44.72 14.25 43.66
C LYS B 118 -43.36 14.07 44.35
N VAL B 119 -42.83 15.20 44.82
CA VAL B 119 -41.60 15.22 45.60
C VAL B 119 -42.10 15.33 47.04
N PRO B 120 -41.86 14.28 47.87
CA PRO B 120 -42.07 14.40 49.34
C PRO B 120 -40.87 15.05 50.04
N GLY B 121 -40.54 14.55 51.23
CA GLY B 121 -39.37 15.02 51.96
C GLY B 121 -38.11 14.23 51.66
N ASN B 122 -37.04 14.54 52.40
CA ASN B 122 -35.81 13.76 52.36
C ASN B 122 -35.57 13.11 53.73
N ALA B 123 -36.13 11.91 53.88
CA ALA B 123 -36.00 11.10 55.10
C ALA B 123 -35.02 9.95 54.87
N HIS B 124 -34.32 9.53 55.93
CA HIS B 124 -33.43 8.35 55.87
C HIS B 124 -33.47 7.62 57.18
N GLU B 125 -33.85 6.35 57.10
CA GLU B 125 -33.74 5.44 58.23
C GLU B 125 -32.28 5.02 58.38
N GLN B 126 -31.41 5.72 57.66
CA GLN B 126 -30.05 5.25 57.40
C GLN B 126 -29.03 5.67 58.43
N VAL B 127 -29.07 6.95 58.81
CA VAL B 127 -28.22 7.44 59.89
C VAL B 127 -28.47 6.60 61.16
N VAL B 128 -29.64 5.97 61.22
CA VAL B 128 -30.01 5.00 62.27
C VAL B 128 -30.34 3.61 61.71
N SER B 129 -29.58 3.17 60.69
CA SER B 129 -29.67 1.79 60.19
C SER B 129 -28.38 1.06 60.51
N PHE B 130 -28.18 0.78 61.80
CA PHE B 130 -26.93 0.25 62.30
C PHE B 130 -26.74 -1.26 62.11
N ASN B 131 -27.85 -1.99 62.19
CA ASN B 131 -27.85 -3.39 62.60
C ASN B 131 -27.08 -4.37 61.70
N GLU B 132 -27.10 -5.63 62.09
CA GLU B 132 -26.38 -6.70 61.39
C GLU B 132 -27.09 -8.05 61.54
N ASN B 133 -26.56 -9.08 60.87
CA ASN B 133 -27.07 -10.46 60.95
C ASN B 133 -26.04 -11.48 60.41
N SER B 134 -25.44 -12.23 61.34
CA SER B 134 -24.19 -12.99 61.09
C SER B 134 -24.32 -14.46 60.61
N LYS B 135 -25.46 -15.08 60.90
CA LYS B 135 -25.69 -16.56 60.76
C LYS B 135 -25.43 -17.19 59.37
N PRO B 136 -25.13 -18.52 59.35
CA PRO B 136 -24.82 -19.26 58.11
C PRO B 136 -26.06 -19.73 57.34
N GLU B 137 -27.15 -18.97 57.42
CA GLU B 137 -28.34 -19.19 56.59
C GLU B 137 -28.20 -18.43 55.27
N ILE B 138 -27.04 -17.77 55.09
CA ILE B 138 -26.74 -16.91 53.94
C ILE B 138 -26.70 -17.68 52.61
N ILE B 139 -27.19 -17.02 51.56
CA ILE B 139 -27.19 -17.55 50.19
C ILE B 139 -26.47 -16.57 49.24
N SER B 140 -26.54 -16.85 47.94
CA SER B 140 -26.04 -15.90 46.92
C SER B 140 -27.19 -15.12 46.26
N GLU B 141 -27.01 -13.80 46.11
CA GLU B 141 -28.07 -12.90 45.59
C GLU B 141 -27.70 -12.03 44.37
N LYS B 142 -26.72 -12.47 43.58
CA LYS B 142 -26.34 -11.77 42.34
C LYS B 142 -25.59 -12.59 41.28
N ASN B 143 -26.11 -12.54 40.05
CA ASN B 143 -25.57 -13.18 38.82
C ASN B 143 -25.16 -14.68 38.90
N ASP B 144 -23.93 -15.02 38.51
CA ASP B 144 -23.62 -16.42 38.11
C ASP B 144 -23.03 -17.53 39.04
N PRO B 145 -22.23 -17.18 40.08
CA PRO B 145 -21.66 -18.28 40.89
C PRO B 145 -22.58 -18.85 42.00
N SER B 146 -22.00 -19.16 43.17
CA SER B 146 -22.75 -19.64 44.34
C SER B 146 -22.28 -18.94 45.65
N PRO B 147 -22.65 -19.46 46.86
CA PRO B 147 -22.14 -18.95 48.16
C PRO B 147 -20.64 -18.57 48.26
N ILE B 148 -20.35 -17.61 49.14
CA ILE B 148 -19.10 -16.80 49.11
C ILE B 148 -17.89 -17.41 49.81
N GLU B 149 -16.80 -17.55 49.06
CA GLU B 149 -15.66 -18.35 49.51
C GLU B 149 -14.31 -17.71 49.13
N TRP B 150 -13.90 -16.69 49.88
CA TRP B 150 -12.62 -15.99 49.66
C TRP B 150 -11.39 -16.91 49.60
N ILE B 151 -10.31 -16.42 48.98
CA ILE B 151 -9.09 -17.24 48.87
C ILE B 151 -7.82 -16.54 49.40
N PHE B 152 -7.07 -17.29 50.21
CA PHE B 152 -5.95 -16.75 50.99
C PHE B 152 -4.58 -17.39 50.66
N ASP B 153 -4.62 -18.51 49.95
CA ASP B 153 -3.42 -19.20 49.49
C ASP B 153 -2.74 -18.31 48.44
N ASP B 154 -1.69 -17.57 48.84
CA ASP B 154 -0.95 -16.73 47.89
C ASP B 154 0.40 -17.32 47.47
N SER B 155 0.32 -18.60 47.12
CA SER B 155 1.45 -19.39 46.68
C SER B 155 1.60 -19.39 45.16
N LYS B 156 0.55 -18.92 44.46
CA LYS B 156 0.43 -19.02 42.99
C LYS B 156 -0.33 -17.83 42.33
N LEU B 157 -0.58 -17.94 41.03
CA LEU B 157 -1.40 -16.98 40.25
C LEU B 157 -2.82 -17.51 39.96
N TYR B 158 -3.80 -16.63 40.01
CA TYR B 158 -5.19 -17.02 39.83
C TYR B 158 -5.85 -16.18 38.77
N TYR B 159 -6.82 -16.79 38.08
CA TYR B 159 -7.34 -16.26 36.81
C TYR B 159 -8.84 -16.08 36.78
N GLY B 160 -9.27 -14.97 36.21
CA GLY B 160 -10.69 -14.75 35.97
C GLY B 160 -11.51 -14.71 37.24
N SER B 161 -12.49 -15.62 37.33
CA SER B 161 -13.40 -15.65 38.48
C SER B 161 -12.70 -16.04 39.79
N ASP B 162 -11.69 -16.93 39.70
CA ASP B 162 -10.82 -17.20 40.83
C ASP B 162 -10.15 -15.93 41.32
N ALA B 163 -9.57 -15.19 40.39
CA ALA B 163 -8.87 -13.94 40.71
C ALA B 163 -9.76 -12.92 41.41
N LEU B 164 -11.07 -13.01 41.15
CA LEU B 164 -12.02 -12.07 41.72
C LEU B 164 -12.27 -12.32 43.19
N ARG B 165 -12.29 -13.58 43.62
CA ARG B 165 -12.45 -13.85 45.05
C ARG B 165 -11.10 -14.06 45.74
N CYS B 166 -10.02 -13.58 45.10
CA CYS B 166 -8.66 -13.58 45.68
C CYS B 166 -8.53 -12.42 46.64
N VAL B 167 -8.27 -12.76 47.90
CA VAL B 167 -8.33 -11.78 48.98
C VAL B 167 -7.42 -10.57 48.67
N ASP B 168 -7.72 -9.46 49.31
CA ASP B 168 -7.19 -8.17 48.89
C ASP B 168 -5.81 -7.84 49.46
N GLU B 169 -5.62 -8.02 50.74
CA GLU B 169 -4.40 -7.52 51.35
C GLU B 169 -3.23 -8.42 50.99
N LYS B 170 -3.49 -9.45 50.20
CA LYS B 170 -2.44 -10.39 49.82
C LYS B 170 -2.21 -10.45 48.30
N PHE B 171 -3.20 -10.04 47.53
CA PHE B 171 -3.11 -10.08 46.12
C PHE B 171 -3.29 -8.70 45.51
N VAL B 172 -2.72 -8.52 44.33
CA VAL B 172 -2.98 -7.36 43.51
C VAL B 172 -3.62 -7.91 42.24
N ILE B 173 -4.42 -7.10 41.55
CA ILE B 173 -5.04 -7.55 40.30
C ILE B 173 -4.59 -6.74 39.12
N ARG B 174 -4.15 -7.43 38.08
CA ARG B 174 -3.74 -6.78 36.85
C ARG B 174 -4.57 -7.31 35.69
N LYS B 175 -4.84 -6.44 34.73
CA LYS B 175 -5.69 -6.78 33.57
C LYS B 175 -4.89 -6.74 32.24
N PRO B 176 -4.73 -7.90 31.54
CA PRO B 176 -3.98 -7.91 30.30
C PRO B 176 -4.63 -7.16 29.16
N PHE B 177 -5.96 -7.04 29.17
CA PHE B 177 -6.73 -6.44 28.09
C PHE B 177 -7.23 -5.05 28.37
N ARG B 178 -7.20 -4.18 27.37
CA ARG B 178 -7.79 -2.84 27.45
C ARG B 178 -8.81 -2.73 26.32
N GLY B 179 -9.80 -3.62 26.36
CA GLY B 179 -10.83 -3.70 25.35
C GLY B 179 -10.33 -4.30 24.06
N GLY B 180 -10.03 -5.60 24.09
CA GLY B 180 -9.68 -6.27 22.84
C GLY B 180 -8.35 -5.81 22.29
N SER B 181 -7.79 -4.79 22.94
CA SER B 181 -6.45 -4.33 22.73
C SER B 181 -5.71 -4.60 24.04
N PHE B 182 -4.39 -4.70 24.01
CA PHE B 182 -3.62 -5.06 25.21
C PHE B 182 -3.46 -3.88 26.10
N ASN B 183 -3.47 -4.16 27.40
CA ASN B 183 -3.43 -3.10 28.40
C ASN B 183 -2.01 -2.71 28.60
N VAL B 184 -1.59 -1.71 27.85
CA VAL B 184 -0.18 -1.35 27.78
C VAL B 184 0.20 -0.40 28.95
N LYS B 185 -0.72 -0.31 29.93
CA LYS B 185 -0.68 0.70 31.01
C LYS B 185 -0.74 0.23 32.48
N SER B 186 -1.50 -0.84 32.79
CA SER B 186 -1.61 -1.30 34.21
C SER B 186 -0.19 -1.72 34.58
N PRO B 187 0.33 -1.13 35.67
CA PRO B 187 1.74 -1.10 36.03
C PRO B 187 2.26 -2.36 36.65
N TYR B 188 1.50 -3.44 36.57
CA TYR B 188 1.94 -4.70 37.16
C TYR B 188 2.58 -5.65 36.16
N TYR B 189 2.82 -5.16 34.95
CA TYR B 189 3.59 -5.89 33.94
C TYR B 189 4.91 -5.20 33.70
N LYS B 190 6.01 -5.94 33.87
CA LYS B 190 7.35 -5.40 33.59
C LYS B 190 7.77 -5.55 32.09
N SER B 191 7.21 -6.55 31.41
CA SER B 191 7.50 -6.80 29.98
C SER B 191 6.28 -7.31 29.18
N LEU B 192 6.40 -7.27 27.86
CA LEU B 192 5.35 -7.79 26.97
C LEU B 192 5.21 -9.31 27.04
N ALA B 193 6.33 -10.02 27.22
CA ALA B 193 6.28 -11.48 27.33
C ALA B 193 5.42 -11.88 28.52
N GLU B 194 5.56 -11.13 29.61
CA GLU B 194 4.73 -11.31 30.81
C GLU B 194 3.24 -11.08 30.56
N LEU B 195 2.91 -9.94 29.96
CA LEU B 195 1.52 -9.61 29.60
C LEU B 195 0.94 -10.67 28.67
N ILE B 196 1.80 -11.20 27.80
CA ILE B 196 1.36 -12.22 26.87
C ILE B 196 1.09 -13.53 27.61
N SER B 197 2.01 -13.97 28.47
CA SER B 197 1.72 -15.12 29.33
C SER B 197 0.33 -14.98 30.01
N ASP B 198 0.07 -13.79 30.58
CA ASP B 198 -1.21 -13.48 31.21
C ASP B 198 -2.40 -13.61 30.26
N VAL B 199 -2.21 -13.17 29.02
CA VAL B 199 -3.21 -13.37 27.99
C VAL B 199 -3.41 -14.84 27.63
N THR B 200 -2.35 -15.56 27.27
CA THR B 200 -2.50 -16.95 26.84
C THR B 200 -3.09 -17.82 27.93
N LYS B 201 -2.72 -17.60 29.18
CA LYS B 201 -3.25 -18.44 30.25
C LYS B 201 -4.72 -18.14 30.61
N LEU B 202 -5.12 -16.88 30.47
CA LEU B 202 -6.54 -16.55 30.54
C LEU B 202 -7.32 -17.35 29.52
N LEU B 203 -6.86 -17.33 28.27
CA LEU B 203 -7.51 -18.12 27.22
C LEU B 203 -7.42 -19.59 27.55
N GLU B 204 -6.26 -20.02 28.05
CA GLU B 204 -6.05 -21.44 28.35
C GLU B 204 -6.95 -21.94 29.44
N HIS B 205 -7.11 -21.10 30.47
CA HIS B 205 -8.05 -21.37 31.56
C HIS B 205 -9.47 -21.29 31.04
N ALA B 206 -9.79 -20.22 30.29
CA ALA B 206 -11.07 -20.16 29.58
C ALA B 206 -11.33 -21.45 28.80
N LEU B 207 -10.41 -21.85 27.92
CA LEU B 207 -10.58 -23.05 27.10
C LEU B 207 -10.74 -24.39 27.85
N ASN B 208 -10.52 -24.38 29.16
CA ASN B 208 -10.62 -25.61 29.95
C ASN B 208 -11.93 -25.77 30.75
N SER B 209 -12.89 -24.88 30.47
CA SER B 209 -14.24 -24.95 31.09
C SER B 209 -14.94 -26.28 30.84
N GLU B 210 -15.93 -26.56 31.67
CA GLU B 210 -16.76 -27.76 31.50
C GLU B 210 -17.30 -27.85 30.07
N THR B 211 -17.85 -26.74 29.57
CA THR B 211 -18.49 -26.69 28.24
C THR B 211 -17.51 -26.71 27.06
N LEU B 212 -16.34 -26.09 27.25
CA LEU B 212 -15.27 -26.10 26.27
C LEU B 212 -14.14 -26.93 26.80
N ASN B 213 -14.27 -28.25 26.73
CA ASN B 213 -13.24 -29.09 27.28
C ASN B 213 -12.11 -29.18 26.26
N VAL B 214 -11.25 -28.15 26.27
CA VAL B 214 -10.20 -28.03 25.25
C VAL B 214 -8.82 -27.75 25.86
N LYS B 215 -7.92 -28.71 25.68
CA LYS B 215 -6.58 -28.64 26.27
C LYS B 215 -5.58 -28.10 25.26
N PRO B 216 -4.54 -27.40 25.76
CA PRO B 216 -3.48 -26.76 24.97
C PRO B 216 -2.82 -27.66 23.94
N THR B 217 -2.80 -28.95 24.24
CA THR B 217 -2.18 -29.93 23.37
C THR B 217 -3.00 -30.24 22.12
N LYS B 218 -4.32 -29.96 22.14
CA LYS B 218 -5.16 -30.14 20.94
C LYS B 218 -5.71 -28.82 20.37
N PHE B 219 -5.02 -27.73 20.69
CA PHE B 219 -5.28 -26.40 20.15
C PHE B 219 -5.11 -26.34 18.62
N ASN B 220 -4.36 -27.30 18.08
CA ASN B 220 -4.02 -27.32 16.66
C ASN B 220 -5.04 -27.98 15.74
N GLN B 221 -6.26 -28.23 16.25
CA GLN B 221 -7.37 -28.73 15.46
C GLN B 221 -8.40 -27.64 15.32
N TYR B 222 -8.03 -26.47 15.82
CA TYR B 222 -8.97 -25.38 15.99
C TYR B 222 -8.56 -24.15 15.23
N LYS B 223 -9.53 -23.57 14.52
CA LYS B 223 -9.39 -22.20 13.98
C LYS B 223 -9.81 -21.19 15.06
N VAL B 224 -9.67 -19.89 14.79
CA VAL B 224 -10.05 -18.86 15.74
C VAL B 224 -10.55 -17.65 15.00
N VAL B 225 -11.80 -17.28 15.20
CA VAL B 225 -12.26 -15.96 14.78
C VAL B 225 -11.96 -14.99 15.93
N LEU B 226 -11.27 -13.90 15.63
CA LEU B 226 -10.84 -12.92 16.64
C LEU B 226 -11.55 -11.57 16.44
N VAL B 227 -12.31 -11.14 17.44
CA VAL B 227 -12.94 -9.82 17.36
C VAL B 227 -11.94 -8.74 17.78
N ILE B 228 -11.96 -7.65 17.03
CA ILE B 228 -10.94 -6.63 17.00
C ILE B 228 -11.71 -5.35 17.25
N PRO B 229 -11.08 -4.32 17.81
CA PRO B 229 -11.86 -3.08 17.97
C PRO B 229 -12.02 -2.34 16.65
N ASP B 230 -12.98 -1.42 16.56
CA ASP B 230 -13.17 -0.65 15.33
C ASP B 230 -11.91 0.12 15.01
N ILE B 231 -11.40 0.84 16.02
CA ILE B 231 -10.07 1.45 15.94
C ILE B 231 -9.06 0.52 16.63
N PHE B 232 -8.55 -0.44 15.88
CA PHE B 232 -7.61 -1.39 16.44
C PHE B 232 -6.22 -0.78 16.52
N LYS B 233 -5.29 -1.54 17.08
CA LYS B 233 -3.89 -1.17 17.11
C LYS B 233 -3.15 -2.22 16.32
N LYS B 234 -2.70 -1.86 15.12
CA LYS B 234 -2.07 -2.85 14.26
C LYS B 234 -0.96 -3.64 14.98
N SER B 235 -0.16 -2.98 15.81
CA SER B 235 0.82 -3.66 16.68
C SER B 235 0.25 -4.83 17.48
N HIS B 236 -0.92 -4.55 18.07
CA HIS B 236 -1.61 -5.48 18.91
C HIS B 236 -2.24 -6.58 18.09
N VAL B 237 -2.98 -6.23 17.05
CA VAL B 237 -3.71 -7.24 16.29
C VAL B 237 -2.70 -8.23 15.74
N GLU B 238 -1.61 -7.70 15.20
CA GLU B 238 -0.46 -8.48 14.72
C GLU B 238 0.22 -9.34 15.79
N THR B 239 0.53 -8.74 16.93
CA THR B 239 1.05 -9.47 18.09
C THR B 239 0.13 -10.59 18.52
N PHE B 240 -1.17 -10.41 18.33
CA PHE B 240 -2.15 -11.37 18.79
C PHE B 240 -2.23 -12.60 17.85
N ILE B 241 -2.27 -12.32 16.54
CA ILE B 241 -2.26 -13.33 15.51
C ILE B 241 -1.01 -14.20 15.64
N ARG B 242 0.13 -13.56 15.84
CA ARG B 242 1.38 -14.29 16.05
C ARG B 242 1.28 -15.30 17.21
N VAL B 243 0.77 -14.83 18.35
CA VAL B 243 0.65 -15.67 19.53
C VAL B 243 -0.37 -16.80 19.33
N LEU B 244 -1.50 -16.47 18.70
CA LEU B 244 -2.51 -17.50 18.39
C LEU B 244 -1.95 -18.57 17.48
N LEU B 245 -1.11 -18.15 16.54
CA LEU B 245 -0.60 -19.03 15.50
C LEU B 245 0.78 -19.64 15.78
N THR B 246 1.68 -18.81 16.29
CA THR B 246 3.07 -19.19 16.53
C THR B 246 3.23 -19.88 17.86
N GLU B 247 2.53 -19.37 18.86
CA GLU B 247 2.74 -19.86 20.20
C GLU B 247 1.72 -20.92 20.57
N LEU B 248 0.46 -20.51 20.69
CA LEU B 248 -0.59 -21.42 21.14
C LEU B 248 -0.94 -22.48 20.08
N GLN B 249 -0.49 -22.24 18.85
CA GLN B 249 -0.56 -23.25 17.82
C GLN B 249 -1.94 -23.47 17.24
N PHE B 250 -2.78 -22.44 17.20
CA PHE B 250 -4.03 -22.52 16.46
C PHE B 250 -3.80 -22.60 14.93
N GLN B 251 -4.77 -23.16 14.23
CA GLN B 251 -4.63 -23.47 12.81
C GLN B 251 -4.71 -22.25 11.91
N ALA B 252 -5.59 -21.33 12.25
CA ALA B 252 -5.85 -20.15 11.42
C ALA B 252 -6.42 -19.07 12.30
N VAL B 253 -6.55 -17.85 11.78
CA VAL B 253 -7.20 -16.77 12.48
C VAL B 253 -7.86 -15.89 11.44
N ALA B 254 -9.10 -15.50 11.67
CA ALA B 254 -9.70 -14.46 10.86
C ALA B 254 -10.25 -13.44 11.80
N ILE B 255 -10.12 -12.17 11.43
CA ILE B 255 -10.42 -11.07 12.34
C ILE B 255 -11.63 -10.25 11.86
N ILE B 256 -12.27 -9.53 12.78
CA ILE B 256 -13.44 -8.74 12.46
C ILE B 256 -13.68 -7.68 13.54
N GLN B 257 -13.88 -6.43 13.13
CA GLN B 257 -14.19 -5.36 14.07
C GLN B 257 -15.52 -5.57 14.77
N GLU B 258 -15.63 -5.01 15.97
CA GLU B 258 -16.80 -5.18 16.82
C GLU B 258 -18.01 -4.67 16.07
N SER B 259 -17.93 -3.42 15.61
CA SER B 259 -19.07 -2.77 14.96
C SER B 259 -19.72 -3.66 13.93
N LEU B 260 -18.91 -4.19 13.02
CA LEU B 260 -19.43 -5.09 12.00
C LEU B 260 -20.15 -6.26 12.66
N ALA B 261 -19.45 -6.98 13.54
CA ALA B 261 -20.01 -8.15 14.21
C ALA B 261 -21.31 -7.91 15.00
N THR B 262 -21.42 -6.79 15.75
CA THR B 262 -22.73 -6.47 16.37
C THR B 262 -23.84 -6.46 15.31
N CYS B 263 -23.50 -6.00 14.10
CA CYS B 263 -24.44 -5.98 12.97
C CYS B 263 -24.66 -7.35 12.37
N TYR B 264 -23.82 -8.31 12.72
CA TYR B 264 -24.03 -9.69 12.28
C TYR B 264 -24.84 -10.35 13.36
N GLY B 265 -24.66 -9.88 14.59
CA GLY B 265 -25.42 -10.38 15.72
C GLY B 265 -26.90 -10.06 15.66
N ALA B 266 -27.23 -8.94 15.01
CA ALA B 266 -28.60 -8.41 14.95
C ALA B 266 -29.31 -8.39 13.59
N GLY B 267 -28.99 -7.40 12.77
CA GLY B 267 -29.56 -7.24 11.44
C GLY B 267 -28.47 -6.44 10.77
N ILE B 268 -27.99 -6.98 9.63
CA ILE B 268 -26.87 -6.35 8.89
C ILE B 268 -27.54 -5.79 7.61
N SER B 269 -28.84 -5.56 7.72
CA SER B 269 -29.63 -5.14 6.58
C SER B 269 -29.32 -3.75 6.06
N THR B 270 -29.02 -2.80 6.95
CA THR B 270 -29.04 -1.39 6.54
C THR B 270 -28.01 -0.50 7.27
N SER B 271 -27.92 0.76 6.86
CA SER B 271 -27.01 1.74 7.49
C SER B 271 -27.41 2.05 8.92
N THR B 272 -26.43 2.09 9.82
CA THR B 272 -26.68 2.05 11.27
C THR B 272 -25.63 2.78 12.07
N CYS B 273 -25.98 3.19 13.28
CA CYS B 273 -24.97 3.71 14.20
C CYS B 273 -24.84 2.90 15.51
N VAL B 274 -23.93 1.92 15.55
CA VAL B 274 -23.82 1.10 16.74
C VAL B 274 -23.17 1.83 17.92
N VAL B 275 -23.93 1.99 19.01
CA VAL B 275 -23.38 2.50 20.26
C VAL B 275 -23.15 1.31 21.16
N ASN B 276 -21.97 1.28 21.76
CA ASN B 276 -21.59 0.23 22.67
C ASN B 276 -21.07 0.73 24.00
N ILE B 277 -21.93 0.64 25.02
CA ILE B 277 -21.57 0.99 26.39
C ILE B 277 -21.21 -0.26 27.17
N GLY B 278 -19.91 -0.47 27.36
CA GLY B 278 -19.44 -1.57 28.18
C GLY B 278 -18.93 -1.05 29.51
N ALA B 279 -18.04 -1.83 30.13
CA ALA B 279 -17.53 -1.54 31.46
C ALA B 279 -16.71 -0.27 31.53
N ALA B 280 -15.62 -0.28 30.77
CA ALA B 280 -14.58 0.74 30.86
C ALA B 280 -14.84 1.89 29.92
N GLU B 281 -15.18 1.58 28.67
CA GLU B 281 -15.28 2.57 27.61
C GLU B 281 -16.56 2.41 26.82
N THR B 282 -17.08 3.50 26.28
CA THR B 282 -18.19 3.44 25.32
C THR B 282 -17.61 3.59 23.90
N ARG B 283 -18.03 2.69 23.00
CA ARG B 283 -17.63 2.73 21.57
C ARG B 283 -18.81 3.04 20.67
N ILE B 284 -18.63 4.03 19.82
CA ILE B 284 -19.65 4.38 18.85
C ILE B 284 -19.00 4.21 17.51
N ALA B 285 -19.78 3.75 16.53
CA ALA B 285 -19.36 3.73 15.12
C ALA B 285 -20.57 3.57 14.23
N CYS B 286 -20.41 3.97 12.98
CA CYS B 286 -21.44 3.71 11.98
C CYS B 286 -20.96 2.69 10.99
N VAL B 287 -21.90 1.87 10.54
CA VAL B 287 -21.58 0.78 9.65
C VAL B 287 -22.43 0.93 8.39
N ASP B 288 -21.79 0.95 7.22
CA ASP B 288 -22.53 1.04 5.95
C ASP B 288 -21.96 0.14 4.85
N GLU B 289 -22.85 -0.71 4.31
CA GLU B 289 -22.54 -1.66 3.22
C GLU B 289 -21.47 -2.67 3.63
N GLY B 290 -21.60 -3.22 4.84
CA GLY B 290 -20.67 -4.20 5.33
C GLY B 290 -19.30 -3.68 5.70
N THR B 291 -19.18 -2.37 5.95
CA THR B 291 -17.91 -1.78 6.44
C THR B 291 -18.13 -0.73 7.52
N VAL B 292 -17.29 -0.79 8.56
CA VAL B 292 -17.26 0.22 9.61
C VAL B 292 -16.65 1.48 9.03
N LEU B 293 -17.27 2.63 9.29
CA LEU B 293 -16.77 3.85 8.68
C LEU B 293 -15.70 4.50 9.51
N GLU B 294 -14.44 4.38 9.07
CA GLU B 294 -13.29 4.89 9.82
C GLU B 294 -13.59 6.17 10.57
N HIS B 295 -14.12 7.18 9.88
CA HIS B 295 -14.23 8.51 10.50
C HIS B 295 -15.49 8.77 11.33
N SER B 296 -16.34 7.76 11.51
CA SER B 296 -17.49 7.88 12.42
C SER B 296 -17.14 7.31 13.77
N ALA B 297 -16.07 6.50 13.81
CA ALA B 297 -15.61 5.83 15.03
C ALA B 297 -15.28 6.80 16.15
N ILE B 298 -15.82 6.54 17.33
CA ILE B 298 -15.43 7.28 18.53
C ILE B 298 -15.35 6.32 19.71
N THR B 299 -14.30 6.42 20.51
CA THR B 299 -14.34 5.74 21.80
C THR B 299 -14.31 6.72 22.98
N LEU B 300 -15.40 6.71 23.74
CA LEU B 300 -15.50 7.54 24.90
C LEU B 300 -14.81 6.76 26.01
N ASP B 301 -14.06 7.45 26.88
CA ASP B 301 -13.37 6.76 27.97
C ASP B 301 -14.17 6.64 29.25
N TYR B 302 -15.45 6.31 29.15
CA TYR B 302 -16.32 6.06 30.32
C TYR B 302 -17.42 5.02 30.06
N GLY B 303 -17.85 4.32 31.10
CA GLY B 303 -18.89 3.30 30.99
C GLY B 303 -19.28 2.73 32.35
N GLY B 304 -19.92 1.56 32.33
CA GLY B 304 -20.50 0.92 33.54
C GLY B 304 -19.77 1.13 34.85
N ASP B 305 -18.45 0.95 34.78
CA ASP B 305 -17.53 1.14 35.90
C ASP B 305 -17.60 2.51 36.55
N ASP B 306 -17.89 3.53 35.76
CA ASP B 306 -17.94 4.89 36.25
C ASP B 306 -19.30 5.20 36.85
N ILE B 307 -20.35 4.68 36.21
CA ILE B 307 -21.66 4.80 36.78
C ILE B 307 -21.56 4.13 38.14
N THR B 308 -20.98 2.92 38.18
CA THR B 308 -20.80 2.18 39.45
C THR B 308 -20.10 2.99 40.55
N ARG B 309 -19.05 3.72 40.17
CA ARG B 309 -18.27 4.53 41.11
C ARG B 309 -19.05 5.74 41.58
N LEU B 310 -19.64 6.46 40.64
CA LEU B 310 -20.43 7.65 40.96
C LEU B 310 -21.72 7.30 41.70
N PHE B 311 -22.28 6.12 41.46
CA PHE B 311 -23.46 5.65 42.21
C PHE B 311 -23.12 5.40 43.68
N ALA B 312 -22.14 4.53 43.91
CA ALA B 312 -21.65 4.23 45.27
C ALA B 312 -21.34 5.54 45.99
N LEU B 313 -20.71 6.46 45.27
CA LEU B 313 -20.34 7.76 45.81
C LEU B 313 -21.58 8.52 46.22
N PHE B 314 -22.62 8.44 45.38
CA PHE B 314 -23.85 9.18 45.65
C PHE B 314 -24.47 8.78 46.98
N LEU B 315 -24.54 7.48 47.23
CA LEU B 315 -25.06 6.96 48.47
C LEU B 315 -24.28 7.45 49.69
N LEU B 316 -22.97 7.66 49.53
CA LEU B 316 -22.12 8.13 50.65
C LEU B 316 -22.52 9.50 51.15
N GLN B 317 -22.85 10.39 50.21
CA GLN B 317 -23.34 11.73 50.54
C GLN B 317 -24.82 11.77 50.96
N SER B 318 -25.40 10.58 51.13
CA SER B 318 -26.75 10.39 51.64
C SER B 318 -26.74 9.46 52.85
N ASP B 319 -25.61 9.49 53.57
CA ASP B 319 -25.35 8.65 54.75
C ASP B 319 -25.70 7.17 54.57
N PHE B 320 -25.19 6.59 53.49
CA PHE B 320 -25.26 5.15 53.27
C PHE B 320 -24.48 4.46 54.39
N PRO B 321 -25.13 3.52 55.09
CA PRO B 321 -24.65 2.92 56.36
C PRO B 321 -23.18 2.48 56.39
N LEU B 322 -22.66 1.95 55.26
CA LEU B 322 -21.23 1.69 55.12
C LEU B 322 -20.53 2.96 54.68
N GLN B 323 -20.14 3.76 55.68
CA GLN B 323 -19.51 5.05 55.45
C GLN B 323 -18.01 4.94 55.18
N ASP B 324 -17.41 3.82 55.58
CA ASP B 324 -16.07 3.44 55.18
C ASP B 324 -16.20 2.34 54.14
N TRP B 325 -16.22 2.74 52.87
CA TRP B 325 -16.39 1.84 51.75
C TRP B 325 -15.07 1.82 50.96
N LYS B 326 -14.32 0.73 51.06
CA LYS B 326 -13.18 0.53 50.16
C LYS B 326 -13.71 0.08 48.81
N ILE B 327 -13.85 1.04 47.90
CA ILE B 327 -14.57 0.84 46.65
C ILE B 327 -13.78 0.00 45.65
N ASP B 328 -12.45 0.16 45.68
CA ASP B 328 -11.52 -0.54 44.81
C ASP B 328 -11.16 -1.92 45.36
N SER B 329 -11.63 -2.24 46.56
CA SER B 329 -11.40 -3.56 47.16
C SER B 329 -12.23 -4.62 46.45
N LYS B 330 -11.83 -5.87 46.62
CA LYS B 330 -12.49 -6.98 45.93
C LYS B 330 -13.95 -7.07 46.30
N HIS B 331 -14.23 -6.80 47.57
CA HIS B 331 -15.58 -6.86 48.12
C HIS B 331 -16.33 -5.56 47.91
N GLY B 332 -15.67 -4.45 48.22
CA GLY B 332 -16.24 -3.12 48.05
C GLY B 332 -16.74 -2.89 46.63
N TRP B 333 -16.03 -3.44 45.63
CA TRP B 333 -16.52 -3.39 44.28
C TRP B 333 -17.71 -4.33 44.03
N LEU B 334 -17.62 -5.58 44.46
CA LEU B 334 -18.74 -6.55 44.33
C LEU B 334 -20.09 -5.97 44.70
N LEU B 335 -20.12 -5.31 45.85
CA LEU B 335 -21.32 -4.71 46.42
C LEU B 335 -21.79 -3.55 45.56
N ALA B 336 -20.89 -2.59 45.36
CA ALA B 336 -21.17 -1.40 44.57
C ALA B 336 -21.65 -1.74 43.17
N GLU B 337 -21.20 -2.88 42.63
CA GLU B 337 -21.63 -3.27 41.29
C GLU B 337 -22.97 -4.01 41.28
N ARG B 338 -23.15 -4.89 42.28
CA ARG B 338 -24.44 -5.55 42.51
C ARG B 338 -25.58 -4.56 42.70
N LEU B 339 -25.31 -3.48 43.43
CA LEU B 339 -26.29 -2.42 43.71
C LEU B 339 -26.66 -1.61 42.48
N LYS B 340 -25.67 -1.08 41.77
CA LYS B 340 -25.97 -0.31 40.57
C LYS B 340 -26.62 -1.19 39.54
N LYS B 341 -26.24 -2.46 39.55
CA LYS B 341 -26.77 -3.50 38.67
C LYS B 341 -28.30 -3.65 38.85
N ASN B 342 -28.73 -3.59 40.11
CA ASN B 342 -30.12 -3.83 40.46
C ASN B 342 -31.02 -2.60 40.48
N PHE B 343 -30.45 -1.44 40.76
CA PHE B 343 -31.28 -0.32 41.16
C PHE B 343 -31.24 0.93 40.29
N THR B 344 -30.16 1.14 39.57
CA THR B 344 -30.09 2.30 38.68
C THR B 344 -31.09 2.14 37.54
N THR B 345 -31.79 3.24 37.24
CA THR B 345 -32.73 3.30 36.12
C THR B 345 -33.05 4.75 35.74
N PHE B 346 -33.43 4.93 34.48
CA PHE B 346 -33.86 6.23 33.97
C PHE B 346 -35.37 6.40 34.09
N GLN B 347 -36.05 5.31 34.44
CA GLN B 347 -37.51 5.32 34.59
C GLN B 347 -38.01 6.30 35.67
N ASP B 348 -38.46 7.46 35.20
CA ASP B 348 -38.99 8.54 36.04
C ASP B 348 -40.12 8.08 36.96
N ALA B 349 -40.97 7.19 36.43
CA ALA B 349 -42.13 6.66 37.12
C ALA B 349 -41.79 5.95 38.44
N ASP B 350 -40.82 5.05 38.39
CA ASP B 350 -40.46 4.23 39.55
C ASP B 350 -39.53 4.97 40.52
N VAL B 351 -39.69 6.29 40.60
CA VAL B 351 -38.92 7.07 41.55
C VAL B 351 -39.80 7.44 42.75
N ALA B 352 -39.97 6.44 43.60
CA ALA B 352 -40.58 6.59 44.92
C ALA B 352 -39.48 6.31 45.95
N VAL B 353 -39.59 6.96 47.12
CA VAL B 353 -38.61 6.81 48.20
C VAL B 353 -38.67 5.37 48.73
N GLN B 354 -37.98 4.48 48.03
CA GLN B 354 -38.07 3.04 48.24
C GLN B 354 -36.90 2.52 49.07
N LEU B 355 -37.20 1.67 50.05
CA LEU B 355 -36.17 1.14 50.96
C LEU B 355 -35.89 -0.33 50.71
N TYR B 356 -34.60 -0.67 50.60
CA TYR B 356 -34.22 -2.07 50.43
C TYR B 356 -33.11 -2.55 51.40
N ASN B 357 -32.55 -3.74 51.11
CA ASN B 357 -31.56 -4.40 51.97
C ASN B 357 -30.44 -5.12 51.19
N PHE B 358 -29.25 -5.20 51.80
CA PHE B 358 -28.05 -5.81 51.17
C PHE B 358 -27.21 -6.71 52.11
N MET B 359 -26.33 -7.50 51.50
CA MET B 359 -25.39 -8.38 52.21
C MET B 359 -23.98 -7.77 52.23
N ASN B 360 -23.07 -8.33 53.02
CA ASN B 360 -21.70 -7.80 53.16
C ASN B 360 -20.55 -8.80 52.92
N ARG B 361 -19.35 -8.25 52.81
CA ARG B 361 -18.08 -8.98 52.66
C ARG B 361 -17.75 -9.81 53.89
N SER B 362 -16.77 -10.71 53.74
CA SER B 362 -16.27 -11.47 54.87
C SER B 362 -14.76 -11.80 54.78
N PRO B 363 -13.88 -10.78 54.89
CA PRO B 363 -12.45 -11.05 54.93
C PRO B 363 -12.04 -11.29 56.38
N ASN B 364 -12.20 -12.55 56.81
CA ASN B 364 -12.04 -12.96 58.22
C ASN B 364 -12.96 -12.19 59.19
N GLN B 365 -14.00 -11.57 58.64
CA GLN B 365 -14.99 -10.77 59.40
C GLN B 365 -16.41 -11.28 59.22
N PRO B 366 -17.24 -11.15 60.26
CA PRO B 366 -18.65 -11.62 60.23
C PRO B 366 -19.51 -10.94 59.15
N THR B 367 -20.32 -11.74 58.46
CA THR B 367 -21.24 -11.25 57.42
C THR B 367 -22.36 -10.43 58.06
N GLU B 368 -22.90 -9.46 57.30
CA GLU B 368 -23.95 -8.55 57.79
C GLU B 368 -25.08 -8.27 56.82
N LYS B 369 -26.31 -8.43 57.30
CA LYS B 369 -27.48 -7.87 56.63
C LYS B 369 -27.59 -6.40 57.03
N TYR B 370 -28.04 -5.61 56.07
CA TYR B 370 -28.16 -4.17 56.25
C TYR B 370 -29.38 -3.74 55.45
N GLU B 371 -29.89 -2.55 55.74
CA GLU B 371 -31.06 -2.01 55.05
C GLU B 371 -30.96 -0.50 54.97
N PHE B 372 -31.25 0.03 53.79
CA PHE B 372 -31.05 1.43 53.54
C PHE B 372 -32.26 1.95 52.79
N LYS B 373 -32.24 3.23 52.47
CA LYS B 373 -33.35 3.89 51.81
C LYS B 373 -32.82 4.76 50.67
N LEU B 374 -33.30 4.54 49.45
CA LEU B 374 -32.85 5.34 48.30
C LEU B 374 -34.00 6.06 47.57
N PHE B 375 -33.65 7.15 46.88
CA PHE B 375 -34.63 7.99 46.18
C PHE B 375 -34.27 8.41 44.74
N ASP B 376 -33.30 9.34 44.59
CA ASP B 376 -32.96 9.92 43.28
C ASP B 376 -31.59 9.48 42.76
N GLU B 377 -30.71 9.11 43.70
CA GLU B 377 -29.36 8.67 43.39
C GLU B 377 -29.40 7.57 42.32
N VAL B 378 -30.53 6.86 42.28
CA VAL B 378 -30.77 5.79 41.32
C VAL B 378 -30.82 6.26 39.87
N MET B 379 -31.19 7.51 39.66
CA MET B 379 -31.24 8.04 38.31
C MET B 379 -30.15 9.07 38.05
N LEU B 380 -29.74 9.82 39.06
CA LEU B 380 -28.63 10.75 38.88
C LEU B 380 -27.37 10.00 38.44
N ALA B 381 -27.23 8.77 38.94
CA ALA B 381 -26.07 7.93 38.62
C ALA B 381 -25.81 7.77 37.12
N PRO B 382 -26.79 7.25 36.34
CA PRO B 382 -26.52 7.11 34.93
C PRO B 382 -26.61 8.42 34.14
N LEU B 383 -27.34 9.41 34.64
CA LEU B 383 -27.43 10.71 33.95
C LEU B 383 -26.07 11.30 33.59
N ALA B 384 -25.04 10.87 34.32
CA ALA B 384 -23.66 11.27 34.10
C ALA B 384 -23.15 10.77 32.75
N LEU B 385 -23.85 9.81 32.15
CA LEU B 385 -23.58 9.47 30.75
C LEU B 385 -23.68 10.73 29.88
N PHE B 386 -24.47 11.70 30.36
CA PHE B 386 -24.67 12.94 29.63
C PHE B 386 -23.99 14.12 30.34
N PHE B 387 -23.24 13.81 31.38
CA PHE B 387 -22.42 14.80 32.08
C PHE B 387 -21.11 14.17 32.55
N PRO B 388 -20.30 13.66 31.60
CA PRO B 388 -19.23 12.73 31.98
C PRO B 388 -18.02 13.37 32.68
N GLN B 389 -17.86 14.69 32.56
CA GLN B 389 -16.79 15.43 33.25
C GLN B 389 -16.66 15.02 34.70
N ILE B 390 -17.79 14.65 35.30
CA ILE B 390 -17.83 14.18 36.68
C ILE B 390 -17.08 12.85 36.86
N PHE B 391 -17.18 11.97 35.87
CA PHE B 391 -16.51 10.69 35.92
C PHE B 391 -15.00 10.86 36.00
N LYS B 392 -14.54 11.97 35.44
CA LYS B 392 -13.13 12.34 35.37
C LYS B 392 -12.66 12.86 36.73
N LEU B 393 -13.52 13.64 37.38
CA LEU B 393 -13.25 14.16 38.72
C LEU B 393 -13.07 13.05 39.76
N ILE B 394 -13.62 11.89 39.46
CA ILE B 394 -13.89 10.85 40.44
C ILE B 394 -12.85 9.74 40.49
N ARG B 395 -12.33 9.37 39.33
CA ARG B 395 -11.31 8.32 39.26
C ARG B 395 -9.91 8.89 39.21
N THR B 396 -8.93 8.01 39.34
CA THR B 396 -7.54 8.42 39.31
C THR B 396 -6.96 8.28 37.91
N SER B 397 -6.06 9.20 37.55
CA SER B 397 -5.48 9.25 36.22
C SER B 397 -4.71 7.98 35.89
N SER B 398 -4.99 7.41 34.72
CA SER B 398 -4.16 6.33 34.18
C SER B 398 -2.81 6.89 33.79
N HIS B 399 -1.81 6.03 33.77
CA HIS B 399 -0.48 6.45 33.36
C HIS B 399 0.27 5.42 32.57
N LYS B 400 0.77 5.87 31.43
CA LYS B 400 1.62 5.08 30.54
C LYS B 400 2.78 4.37 31.26
N ASN B 401 2.98 3.12 30.86
CA ASN B 401 4.07 2.27 31.32
C ASN B 401 5.10 2.16 30.20
N SER B 402 6.19 2.93 30.35
CA SER B 402 7.20 3.13 29.30
C SER B 402 7.78 1.83 28.77
N SER B 403 8.09 0.92 29.70
CA SER B 403 8.69 -0.37 29.39
C SER B 403 7.83 -1.20 28.41
N LEU B 404 6.52 -1.19 28.62
CA LEU B 404 5.61 -1.87 27.71
C LEU B 404 5.54 -1.18 26.35
N GLU B 405 5.00 0.04 26.33
CA GLU B 405 4.81 0.80 25.08
C GLU B 405 6.02 0.86 24.13
N PHE B 406 7.22 0.64 24.66
CA PHE B 406 8.43 0.58 23.84
C PHE B 406 8.54 -0.75 23.09
N GLN B 407 8.05 -1.83 23.71
CA GLN B 407 8.07 -3.16 23.12
C GLN B 407 6.80 -3.49 22.33
N LEU B 408 5.74 -2.72 22.56
CA LEU B 408 4.60 -2.71 21.65
C LEU B 408 4.44 -1.30 21.11
N PRO B 409 5.28 -0.95 20.10
CA PRO B 409 5.25 0.42 19.60
C PRO B 409 4.31 0.54 18.44
N GLU B 410 3.76 1.74 18.25
CA GLU B 410 2.72 1.97 17.27
C GLU B 410 3.14 1.55 15.87
N SER B 411 2.22 0.90 15.15
CA SER B 411 2.54 0.42 13.81
C SER B 411 2.72 1.60 12.86
N ARG B 412 3.73 1.50 12.00
CA ARG B 412 3.99 2.56 11.03
C ARG B 412 4.17 1.90 9.68
N ASP B 413 4.25 2.70 8.60
CA ASP B 413 4.47 2.13 7.28
C ASP B 413 5.87 1.58 7.17
N LEU B 414 5.99 0.36 6.64
CA LEU B 414 7.29 -0.28 6.52
C LEU B 414 8.23 0.44 5.54
N PHE B 415 7.79 1.60 5.03
CA PHE B 415 8.56 2.38 4.07
C PHE B 415 8.53 3.90 4.29
N THR B 416 7.36 4.49 4.17
CA THR B 416 7.19 5.91 4.50
C THR B 416 7.50 6.19 5.98
N ASN B 417 7.63 5.12 6.77
CA ASN B 417 7.74 5.20 8.23
C ASN B 417 6.70 6.18 8.80
N GLU B 418 5.54 6.19 8.16
CA GLU B 418 4.42 6.99 8.61
C GLU B 418 3.41 6.10 9.32
N LEU B 419 2.87 6.59 10.43
CA LEU B 419 1.86 5.87 11.17
C LEU B 419 0.82 5.35 10.19
N ASN B 420 0.38 4.11 10.39
CA ASN B 420 -0.56 3.47 9.50
C ASN B 420 -1.84 2.96 10.19
N ASP B 421 -2.04 3.34 11.44
CA ASP B 421 -3.23 2.91 12.18
C ASP B 421 -4.48 3.60 11.63
N TRP B 422 -5.66 3.03 11.89
CA TRP B 422 -6.90 3.69 11.52
C TRP B 422 -7.01 4.91 12.36
N ASN B 423 -7.34 6.05 11.77
CA ASN B 423 -7.42 7.28 12.55
C ASN B 423 -8.68 8.13 12.32
N SER B 424 -9.54 8.18 13.34
CA SER B 424 -10.88 8.72 13.18
C SER B 424 -11.02 10.20 13.45
N LEU B 425 -11.53 10.92 12.45
CA LEU B 425 -11.90 12.33 12.59
C LEU B 425 -12.86 12.60 13.76
N SER B 426 -13.84 11.72 13.92
CA SER B 426 -14.84 11.85 14.99
C SER B 426 -14.21 11.79 16.37
N GLN B 427 -13.19 10.94 16.48
CA GLN B 427 -12.47 10.69 17.72
C GLN B 427 -11.62 11.91 18.08
N PHE B 428 -10.91 12.47 17.10
CA PHE B 428 -10.09 13.68 17.33
C PHE B 428 -10.97 14.85 17.75
N GLU B 429 -12.09 15.01 17.06
CA GLU B 429 -13.00 16.11 17.30
C GLU B 429 -13.57 16.08 18.70
N SER B 430 -14.09 14.92 19.11
CA SER B 430 -14.75 14.80 20.40
C SER B 430 -13.77 14.89 21.56
N LYS B 431 -12.59 14.27 21.41
CA LYS B 431 -11.47 14.39 22.36
C LYS B 431 -11.26 15.83 22.81
N GLU B 432 -10.94 16.67 21.83
CA GLU B 432 -10.61 18.08 22.04
C GLU B 432 -11.80 18.93 22.48
N GLY B 433 -13.03 18.45 22.24
CA GLY B 433 -14.23 19.15 22.64
C GLY B 433 -14.78 20.10 21.61
N ASN B 434 -14.37 19.90 20.36
CA ASN B 434 -14.90 20.68 19.24
C ASN B 434 -16.03 19.92 18.54
N LEU B 435 -17.14 19.74 19.27
CA LEU B 435 -18.30 19.00 18.80
C LEU B 435 -19.21 19.92 18.03
N TYR B 436 -20.08 19.35 17.18
CA TYR B 436 -21.06 20.16 16.43
C TYR B 436 -22.22 20.63 17.30
N CYS B 437 -22.53 19.86 18.34
CA CYS B 437 -23.65 20.16 19.21
C CYS B 437 -23.47 21.39 20.06
N ASP B 438 -22.22 21.82 20.22
CA ASP B 438 -21.94 22.95 21.08
C ASP B 438 -21.78 24.24 20.30
N LEU B 439 -22.60 24.41 19.28
CA LEU B 439 -22.51 25.55 18.37
C LEU B 439 -23.90 26.09 18.02
N ASN B 440 -24.02 27.42 17.98
CA ASN B 440 -25.28 28.07 17.61
C ASN B 440 -25.22 28.71 16.23
N ASP B 441 -24.11 29.38 15.96
CA ASP B 441 -23.87 29.95 14.64
C ASP B 441 -23.61 28.83 13.62
N ASP B 442 -24.41 28.83 12.56
CA ASP B 442 -24.48 27.71 11.60
C ASP B 442 -23.47 27.80 10.45
N LEU B 443 -23.00 29.02 10.18
CA LEU B 443 -21.84 29.22 9.32
C LEU B 443 -20.62 28.59 9.96
N LYS B 444 -20.44 28.85 11.26
CA LYS B 444 -19.38 28.24 12.05
C LYS B 444 -19.47 26.71 11.99
N ILE B 445 -20.70 26.18 11.92
CA ILE B 445 -20.94 24.75 11.73
C ILE B 445 -20.64 24.33 10.29
N LEU B 446 -21.18 25.07 9.33
CA LEU B 446 -21.01 24.72 7.92
C LEU B 446 -19.54 24.79 7.52
N ASN B 447 -18.86 25.85 7.95
CA ASN B 447 -17.42 25.98 7.74
C ASN B 447 -16.68 24.78 8.31
N ARG B 448 -16.99 24.43 9.56
CA ARG B 448 -16.37 23.29 10.23
C ARG B 448 -16.65 21.94 9.56
N ILE B 449 -17.76 21.86 8.82
CA ILE B 449 -18.06 20.65 8.05
C ILE B 449 -17.27 20.60 6.73
N LEU B 450 -17.35 21.66 5.94
CA LEU B 450 -16.63 21.74 4.67
C LEU B 450 -15.14 21.51 4.87
N ASP B 451 -14.61 22.09 5.94
CA ASP B 451 -13.21 21.95 6.31
C ASP B 451 -12.81 20.51 6.70
N ALA B 452 -13.79 19.63 6.86
CA ALA B 452 -13.54 18.25 7.25
C ALA B 452 -12.40 17.57 6.45
N HIS B 453 -12.60 17.38 5.14
CA HIS B 453 -11.59 16.76 4.26
C HIS B 453 -10.16 17.18 4.59
N ASN B 454 -10.00 18.42 5.07
CA ASN B 454 -8.71 18.99 5.41
C ASN B 454 -8.21 18.60 6.78
N ILE B 455 -9.15 18.45 7.72
CA ILE B 455 -8.80 18.00 9.05
C ILE B 455 -8.34 16.54 8.98
N ILE B 456 -8.91 15.80 8.03
CA ILE B 456 -8.47 14.42 7.73
C ILE B 456 -7.12 14.43 7.01
N ASP B 457 -7.00 15.23 5.95
CA ASP B 457 -5.73 15.40 5.23
C ASP B 457 -4.64 15.99 6.11
N GLN B 458 -5.04 16.47 7.29
CA GLN B 458 -4.07 16.83 8.31
C GLN B 458 -3.73 15.62 9.17
N LEU B 459 -4.75 14.94 9.73
CA LEU B 459 -4.52 13.81 10.65
C LEU B 459 -3.39 12.86 10.24
N GLN B 460 -3.47 12.32 9.01
CA GLN B 460 -2.50 11.32 8.57
C GLN B 460 -1.23 11.98 8.06
N ASP B 461 -1.38 12.98 7.18
CA ASP B 461 -0.27 13.80 6.71
C ASP B 461 0.31 14.69 7.83
N LYS B 462 -0.26 14.58 9.02
CA LYS B 462 0.29 15.20 10.23
C LYS B 462 1.26 14.17 10.79
N PRO B 463 2.52 14.17 10.30
CA PRO B 463 3.51 13.14 10.69
C PRO B 463 3.79 13.13 12.21
N GLU B 464 3.92 14.32 12.79
CA GLU B 464 4.01 14.47 14.25
C GLU B 464 2.64 14.18 14.87
N ASN B 465 2.66 13.46 15.98
CA ASN B 465 1.46 13.14 16.73
C ASN B 465 0.89 14.44 17.27
N TYR B 466 0.12 15.12 16.42
CA TYR B 466 -0.43 16.43 16.77
C TYR B 466 -1.94 16.33 17.10
N GLY B 467 -2.30 16.84 18.28
CA GLY B 467 -3.55 16.51 18.97
C GLY B 467 -3.18 15.59 20.13
N ASN B 468 -3.50 16.00 21.36
CA ASN B 468 -3.08 15.25 22.56
C ASN B 468 -3.63 13.83 22.52
N THR B 469 -2.77 12.87 22.21
CA THR B 469 -3.17 11.47 22.15
C THR B 469 -3.22 10.90 23.56
N LEU B 470 -2.47 11.54 24.47
CA LEU B 470 -2.40 11.15 25.89
C LEU B 470 -3.47 11.84 26.79
N LYS B 471 -4.43 12.52 26.18
CA LYS B 471 -5.59 13.05 26.91
C LYS B 471 -6.85 12.24 26.61
N GLU B 472 -7.70 12.11 27.63
CA GLU B 472 -8.87 11.24 27.59
C GLU B 472 -10.12 11.88 26.96
N ASN B 473 -10.97 11.03 26.37
CA ASN B 473 -12.20 11.47 25.71
C ASN B 473 -13.42 11.38 26.60
N PHE B 474 -14.00 12.55 26.88
CA PHE B 474 -15.14 12.69 27.79
C PHE B 474 -16.38 13.36 27.19
N ALA B 475 -16.56 13.28 25.87
CA ALA B 475 -17.73 13.86 25.21
C ALA B 475 -19.05 13.28 25.74
N PRO B 476 -20.04 14.14 26.05
CA PRO B 476 -21.35 13.68 26.49
C PRO B 476 -21.95 12.72 25.47
N LEU B 477 -22.42 11.56 25.91
CA LEU B 477 -22.92 10.50 25.01
C LEU B 477 -23.70 10.97 23.76
N GLU B 478 -24.79 11.71 23.96
CA GLU B 478 -25.62 12.09 22.84
C GLU B 478 -24.90 12.97 21.83
N LYS B 479 -24.15 13.97 22.30
CA LYS B 479 -23.36 14.82 21.40
C LYS B 479 -22.44 13.99 20.51
N ALA B 480 -21.89 12.93 21.11
CA ALA B 480 -20.95 12.02 20.46
C ALA B 480 -21.66 11.18 19.41
N ILE B 481 -22.91 10.83 19.68
CA ILE B 481 -23.71 10.10 18.68
C ILE B 481 -24.08 11.02 17.54
N VAL B 482 -24.23 12.31 17.81
CA VAL B 482 -24.51 13.23 16.72
C VAL B 482 -23.26 13.29 15.85
N GLN B 483 -22.14 13.48 16.50
CA GLN B 483 -20.84 13.62 15.84
C GLN B 483 -20.49 12.47 14.93
N SER B 484 -20.81 11.24 15.38
CA SER B 484 -20.43 10.02 14.68
C SER B 484 -21.17 9.91 13.36
N ILE B 485 -22.48 10.14 13.41
CA ILE B 485 -23.29 10.12 12.22
C ILE B 485 -22.92 11.30 11.36
N ALA B 486 -23.04 12.51 11.91
CA ALA B 486 -22.62 13.73 11.22
C ALA B 486 -21.40 13.52 10.32
N ASN B 487 -20.34 12.94 10.89
CA ASN B 487 -19.13 12.59 10.15
C ASN B 487 -19.31 11.43 9.18
N ALA B 488 -19.87 10.32 9.66
CA ALA B 488 -20.01 9.11 8.85
C ALA B 488 -20.52 9.45 7.46
N SER B 489 -21.69 10.10 7.43
CA SER B 489 -22.33 10.54 6.20
C SER B 489 -21.39 11.36 5.34
N ILE B 490 -20.99 12.52 5.85
CA ILE B 490 -20.21 13.45 5.05
C ILE B 490 -18.82 12.94 4.65
N THR B 491 -18.27 12.00 5.41
CA THR B 491 -16.93 11.48 5.10
C THR B 491 -17.01 10.30 4.15
N ALA B 492 -18.20 9.69 4.04
CA ALA B 492 -18.39 8.52 3.16
C ALA B 492 -19.46 8.66 2.09
N ASP B 493 -20.72 8.51 2.51
CA ASP B 493 -21.85 8.43 1.61
C ASP B 493 -22.96 9.21 2.28
N VAL B 494 -23.14 10.45 1.83
CA VAL B 494 -23.94 11.42 2.57
C VAL B 494 -25.44 11.09 2.76
N THR B 495 -26.07 10.46 1.76
CA THR B 495 -27.53 10.21 1.78
C THR B 495 -28.03 9.33 2.94
N ARG B 496 -27.15 8.51 3.49
CA ARG B 496 -27.48 7.55 4.56
C ARG B 496 -27.76 8.20 5.94
N MET B 497 -27.48 9.49 6.07
CA MET B 497 -27.63 10.23 7.32
C MET B 497 -28.97 9.89 7.97
N ASN B 498 -30.01 9.87 7.15
CA ASN B 498 -31.34 9.51 7.60
C ASN B 498 -31.45 8.09 8.21
N SER B 499 -30.83 7.13 7.56
CA SER B 499 -30.87 5.73 8.00
C SER B 499 -30.14 5.50 9.32
N PHE B 500 -28.97 6.11 9.45
CA PHE B 500 -28.20 6.03 10.68
C PHE B 500 -29.10 6.46 11.82
N TYR B 501 -29.55 7.71 11.77
CA TYR B 501 -30.46 8.27 12.76
C TYR B 501 -31.67 7.39 13.05
N SER B 502 -32.09 6.62 12.05
CA SER B 502 -33.21 5.70 12.24
C SER B 502 -32.79 4.27 12.53
N ASN B 503 -31.48 4.08 12.75
CA ASN B 503 -30.94 2.76 13.15
C ASN B 503 -29.82 2.85 14.22
N ILE B 504 -30.10 3.59 15.29
CA ILE B 504 -29.12 3.73 16.32
C ILE B 504 -29.26 2.51 17.22
N LEU B 505 -28.35 1.56 17.06
CA LEU B 505 -28.38 0.33 17.82
C LEU B 505 -27.56 0.45 19.09
N ILE B 506 -28.15 0.07 20.21
CA ILE B 506 -27.49 0.24 21.48
C ILE B 506 -27.20 -1.12 22.10
N VAL B 507 -25.95 -1.32 22.52
CA VAL B 507 -25.42 -2.64 22.89
C VAL B 507 -24.43 -2.56 24.05
N GLY B 508 -24.02 -3.72 24.56
CA GLY B 508 -23.03 -3.76 25.62
C GLY B 508 -23.71 -4.03 26.94
N GLY B 509 -23.00 -4.71 27.83
CA GLY B 509 -23.60 -5.11 29.10
C GLY B 509 -24.08 -3.96 29.95
N SER B 510 -23.58 -2.76 29.67
CA SER B 510 -23.93 -1.63 30.50
C SER B 510 -24.98 -0.76 29.83
N SER B 511 -25.39 -1.17 28.63
CA SER B 511 -26.51 -0.50 27.98
C SER B 511 -27.82 -1.05 28.50
N LYS B 512 -27.73 -1.88 29.53
CA LYS B 512 -28.84 -2.67 30.05
C LYS B 512 -29.58 -1.93 31.19
N ILE B 513 -29.35 -0.63 31.28
CA ILE B 513 -30.10 0.27 32.16
C ILE B 513 -31.50 0.56 31.57
N PRO B 514 -32.58 0.39 32.38
CA PRO B 514 -33.95 0.46 31.83
C PRO B 514 -34.42 1.86 31.39
N ALA B 515 -34.97 1.94 30.17
CA ALA B 515 -35.47 3.20 29.63
C ALA B 515 -34.36 4.19 29.25
N LEU B 516 -33.20 3.66 28.88
CA LEU B 516 -32.08 4.47 28.42
C LEU B 516 -32.45 5.06 27.08
N ASP B 517 -32.70 4.16 26.12
CA ASP B 517 -33.18 4.50 24.79
C ASP B 517 -34.11 5.71 24.80
N PHE B 518 -35.13 5.67 25.65
CA PHE B 518 -36.08 6.76 25.80
C PHE B 518 -35.37 8.08 26.08
N ILE B 519 -34.59 8.13 27.17
CA ILE B 519 -33.92 9.37 27.57
C ILE B 519 -32.89 9.84 26.53
N LEU B 520 -32.37 8.88 25.76
CA LEU B 520 -31.33 9.19 24.79
C LEU B 520 -31.94 9.92 23.61
N THR B 521 -33.02 9.36 23.09
CA THR B 521 -33.75 10.03 22.05
C THR B 521 -33.97 11.49 22.48
N ASP B 522 -34.73 11.68 23.56
CA ASP B 522 -34.98 13.01 24.15
C ASP B 522 -33.79 13.94 24.05
N ARG B 523 -32.62 13.41 24.44
CA ARG B 523 -31.43 14.20 24.64
C ARG B 523 -30.76 14.56 23.33
N ILE B 524 -30.73 13.61 22.40
CA ILE B 524 -30.27 13.84 21.02
C ILE B 524 -31.17 14.90 20.36
N ASN B 525 -32.46 14.81 20.67
CA ASN B 525 -33.45 15.77 20.19
C ASN B 525 -33.21 17.20 20.67
N ILE B 526 -32.66 17.34 21.87
CA ILE B 526 -32.38 18.67 22.42
C ILE B 526 -31.13 19.35 21.82
N TRP B 527 -30.10 18.54 21.51
CA TRP B 527 -28.75 19.07 21.19
C TRP B 527 -28.32 19.15 19.72
N ARG B 528 -28.67 18.16 18.92
CA ARG B 528 -28.44 18.24 17.48
C ARG B 528 -28.80 19.67 17.05
N PRO B 529 -27.99 20.29 16.19
CA PRO B 529 -28.31 21.66 15.72
C PRO B 529 -29.32 21.66 14.59
N SER B 530 -29.89 22.82 14.29
CA SER B 530 -30.97 22.90 13.31
C SER B 530 -30.50 22.64 11.86
N LEU B 531 -29.25 23.00 11.56
CA LEU B 531 -28.66 22.74 10.24
C LEU B 531 -28.41 21.25 9.99
N LEU B 532 -28.08 20.52 11.06
CA LEU B 532 -27.84 19.09 10.94
C LEU B 532 -29.10 18.25 11.06
N SER B 533 -30.21 18.87 11.43
CA SER B 533 -31.46 18.17 11.62
C SER B 533 -32.42 18.30 10.42
N SER B 534 -32.13 19.25 9.52
CA SER B 534 -32.88 19.37 8.27
C SER B 534 -32.63 18.15 7.38
N ALA B 535 -33.70 17.42 7.07
CA ALA B 535 -33.61 16.23 6.23
C ALA B 535 -33.15 16.57 4.81
N SER B 536 -33.22 17.85 4.46
CA SER B 536 -32.76 18.35 3.17
C SER B 536 -31.24 18.46 3.13
N PHE B 537 -30.62 18.54 4.31
CA PHE B 537 -29.18 18.77 4.44
C PHE B 537 -28.31 17.90 3.54
N PRO B 538 -28.53 16.56 3.54
CA PRO B 538 -27.69 15.69 2.71
C PRO B 538 -27.60 16.15 1.26
N GLN B 539 -28.75 16.26 0.60
CA GLN B 539 -28.82 16.73 -0.78
C GLN B 539 -28.26 18.15 -0.89
N PHE B 540 -28.39 18.93 0.18
CA PHE B 540 -27.86 20.28 0.24
C PHE B 540 -26.32 20.30 0.32
N TYR B 541 -25.74 19.36 1.08
CA TYR B 541 -24.28 19.28 1.23
C TYR B 541 -23.58 18.86 -0.07
N LYS B 542 -24.25 18.03 -0.87
CA LYS B 542 -23.75 17.61 -2.18
C LYS B 542 -23.66 18.78 -3.15
N LYS B 543 -24.75 19.53 -3.28
CA LYS B 543 -24.78 20.71 -4.15
C LYS B 543 -23.79 21.78 -3.69
N LEU B 544 -23.73 22.02 -2.38
CA LEU B 544 -22.81 23.00 -1.82
C LEU B 544 -21.37 22.58 -2.08
N THR B 545 -21.08 21.30 -1.82
CA THR B 545 -19.74 20.77 -1.91
C THR B 545 -19.26 20.62 -3.36
N LYS B 546 -20.20 20.50 -4.29
CA LYS B 546 -19.85 20.41 -5.72
C LYS B 546 -19.67 21.78 -6.35
N GLU B 547 -20.27 22.80 -5.76
CA GLU B 547 -20.19 24.18 -6.26
C GLU B 547 -19.02 24.99 -5.68
N ILE B 548 -18.18 24.37 -4.86
CA ILE B 548 -16.91 25.00 -4.44
C ILE B 548 -15.74 24.36 -5.18
N LYS B 549 -16.00 23.22 -5.82
CA LYS B 549 -15.10 22.64 -6.80
C LYS B 549 -15.12 23.51 -8.05
N ASP B 550 -16.34 23.78 -8.54
CA ASP B 550 -16.56 24.57 -9.75
C ASP B 550 -16.03 25.99 -9.68
N LEU B 551 -15.83 26.50 -8.46
CA LEU B 551 -15.33 27.86 -8.24
C LEU B 551 -13.94 28.10 -8.80
N GLU B 552 -13.10 27.07 -8.78
CA GLU B 552 -11.71 27.18 -9.23
C GLU B 552 -11.54 27.22 -10.75
N GLY B 553 -12.33 26.40 -11.45
CA GLY B 553 -12.14 26.21 -12.90
C GLY B 553 -13.37 26.37 -13.78
N HIS B 554 -14.29 27.24 -13.38
CA HIS B 554 -15.39 27.66 -14.26
C HIS B 554 -14.94 28.91 -15.04
N TYR B 555 -14.17 29.75 -14.38
CA TYR B 555 -13.34 30.74 -15.06
C TYR B 555 -12.01 30.05 -15.37
N VAL B 556 -11.25 30.59 -16.33
CA VAL B 556 -10.04 29.94 -16.86
C VAL B 556 -8.85 29.91 -15.87
N ASN B 557 -8.67 28.77 -15.21
CA ASN B 557 -7.63 28.59 -14.19
C ASN B 557 -7.69 29.79 -13.23
N ALA B 558 -6.52 30.41 -12.98
CA ALA B 558 -6.43 31.55 -12.04
C ALA B 558 -6.92 32.92 -12.56
N PRO B 559 -8.10 33.38 -12.09
CA PRO B 559 -8.70 34.65 -12.54
C PRO B 559 -7.97 35.90 -12.00
N ASP B 560 -8.44 37.08 -12.41
CA ASP B 560 -7.78 38.34 -12.05
C ASP B 560 -8.67 39.35 -11.30
N LYS B 561 -8.21 39.75 -10.11
CA LYS B 561 -8.76 40.90 -9.39
C LYS B 561 -7.74 42.04 -9.52
N THR B 562 -6.52 41.78 -9.04
CA THR B 562 -5.33 42.49 -9.51
C THR B 562 -4.77 41.62 -10.64
N GLU B 563 -3.63 41.98 -11.22
CA GLU B 563 -3.07 41.19 -12.32
C GLU B 563 -2.38 39.86 -11.90
N ASP B 564 -3.03 39.16 -10.97
CA ASP B 564 -2.84 37.72 -10.66
C ASP B 564 -1.42 37.13 -10.45
N GLU B 565 -0.59 37.81 -9.66
CA GLU B 565 0.69 37.22 -9.25
C GLU B 565 1.08 37.49 -7.80
N ASN B 566 0.08 37.66 -6.94
CA ASN B 566 0.33 37.84 -5.50
C ASN B 566 -0.35 36.75 -4.67
N LYS B 567 -0.44 35.54 -5.25
CA LYS B 567 -1.27 34.46 -4.71
C LYS B 567 -2.64 35.03 -4.34
N GLN B 568 -3.42 35.39 -5.37
CA GLN B 568 -4.67 36.12 -5.18
C GLN B 568 -5.65 35.49 -4.16
N ILE B 569 -5.76 36.11 -2.99
CA ILE B 569 -6.57 35.59 -1.88
C ILE B 569 -8.02 36.09 -1.89
N LEU B 570 -8.44 36.70 -3.00
CA LEU B 570 -9.83 37.13 -3.15
C LEU B 570 -10.71 36.05 -3.82
N GLN B 571 -10.10 34.93 -4.17
CA GLN B 571 -10.87 33.70 -4.47
C GLN B 571 -11.35 33.08 -3.16
N ALA B 572 -10.53 33.23 -2.11
CA ALA B 572 -10.92 32.82 -0.76
C ALA B 572 -12.10 33.64 -0.25
N GLN B 573 -12.32 34.81 -0.86
CA GLN B 573 -13.49 35.64 -0.60
C GLN B 573 -14.73 35.11 -1.34
N ILE B 574 -14.59 34.81 -2.63
CA ILE B 574 -15.71 34.24 -3.41
C ILE B 574 -16.05 32.79 -2.99
N LYS B 575 -15.12 32.13 -2.28
CA LYS B 575 -15.39 30.87 -1.59
C LYS B 575 -16.31 31.11 -0.39
N GLU B 576 -15.87 32.01 0.49
CA GLU B 576 -16.59 32.34 1.72
C GLU B 576 -17.95 33.01 1.46
N LYS B 577 -18.02 33.83 0.42
CA LYS B 577 -19.25 34.55 0.08
C LYS B 577 -20.33 33.62 -0.48
N ILE B 578 -19.95 32.72 -1.39
CA ILE B 578 -20.87 31.70 -1.89
C ILE B 578 -21.21 30.70 -0.78
N VAL B 579 -20.26 30.49 0.14
CA VAL B 579 -20.53 29.76 1.37
C VAL B 579 -21.64 30.46 2.15
N GLU B 580 -21.56 31.78 2.27
CA GLU B 580 -22.59 32.59 2.95
C GLU B 580 -23.89 32.73 2.14
N GLU B 581 -23.77 32.76 0.81
CA GLU B 581 -24.91 32.91 -0.07
C GLU B 581 -25.65 31.60 -0.34
N LEU B 582 -24.90 30.56 -0.68
CA LEU B 582 -25.46 29.26 -1.04
C LEU B 582 -26.08 28.54 0.18
N GLU B 583 -25.67 28.95 1.39
CA GLU B 583 -26.31 28.49 2.64
C GLU B 583 -27.52 29.36 2.95
N GLU B 584 -27.37 30.66 2.68
CA GLU B 584 -28.44 31.62 2.85
C GLU B 584 -29.62 31.28 1.92
N GLN B 585 -29.29 30.85 0.70
CA GLN B 585 -30.29 30.43 -0.28
C GLN B 585 -30.99 29.11 0.09
N HIS B 586 -30.34 28.31 0.93
CA HIS B 586 -30.98 27.13 1.52
C HIS B 586 -31.75 27.55 2.77
N GLN B 587 -31.22 28.53 3.50
CA GLN B 587 -31.89 29.12 4.66
C GLN B 587 -33.26 29.69 4.29
N ASN B 588 -33.38 30.13 3.05
CA ASN B 588 -34.67 30.62 2.51
C ASN B 588 -35.48 29.57 1.78
N ILE B 589 -34.86 28.42 1.50
CA ILE B 589 -35.55 27.26 0.94
C ILE B 589 -36.19 26.42 2.08
N GLU B 590 -35.62 26.49 3.28
CA GLU B 590 -36.16 25.77 4.44
C GLU B 590 -36.80 26.65 5.52
N HIS B 591 -36.75 27.97 5.35
CA HIS B 591 -37.52 28.89 6.20
C HIS B 591 -38.90 29.17 5.61
N GLN B 592 -38.96 29.27 4.28
CA GLN B 592 -40.19 29.63 3.54
C GLN B 592 -41.51 29.04 4.06
N ASN B 593 -41.52 27.75 4.36
CA ASN B 593 -42.74 27.02 4.74
C ASN B 593 -42.99 26.88 6.24
N GLY B 594 -41.96 26.46 6.98
CA GLY B 594 -42.13 26.05 8.37
C GLY B 594 -42.39 24.56 8.41
N ASN B 595 -43.20 24.09 7.46
CA ASN B 595 -43.46 22.67 7.26
C ASN B 595 -42.21 22.03 6.66
N GLU B 596 -41.42 21.40 7.49
CA GLU B 596 -40.15 20.78 7.05
C GLU B 596 -40.07 19.34 7.51
N HIS B 597 -39.52 18.49 6.65
CA HIS B 597 -39.17 17.14 7.06
C HIS B 597 -37.91 17.24 7.92
N ILE B 598 -37.94 16.56 9.07
CA ILE B 598 -36.88 16.62 10.06
C ILE B 598 -36.38 15.20 10.33
N PHE B 599 -35.09 15.01 10.58
CA PHE B 599 -34.57 13.65 10.75
C PHE B 599 -35.25 12.92 11.91
N PRO B 600 -35.45 11.59 11.79
CA PRO B 600 -35.96 10.80 12.91
C PRO B 600 -34.85 10.26 13.82
N VAL B 601 -34.99 10.47 15.13
CA VAL B 601 -34.05 9.98 16.13
C VAL B 601 -34.61 8.71 16.75
N SER B 602 -34.38 7.57 16.09
CA SER B 602 -34.97 6.31 16.55
C SER B 602 -33.95 5.27 16.95
N ILE B 603 -34.08 4.82 18.20
CA ILE B 603 -33.14 3.87 18.79
C ILE B 603 -33.67 2.44 18.75
N ILE B 604 -32.91 1.57 18.08
CA ILE B 604 -33.32 0.19 17.87
C ILE B 604 -33.10 -0.61 19.14
N PRO B 605 -34.04 -1.52 19.44
CA PRO B 605 -33.84 -2.42 20.58
C PRO B 605 -33.02 -3.63 20.19
N PRO B 606 -31.94 -3.93 20.97
CA PRO B 606 -31.29 -5.23 20.80
C PRO B 606 -32.37 -6.34 20.87
N PRO B 607 -32.47 -7.18 19.82
CA PRO B 607 -33.60 -8.09 19.68
C PRO B 607 -33.69 -9.21 20.73
N ARG B 608 -34.92 -9.70 20.91
CA ARG B 608 -35.23 -11.01 21.53
C ARG B 608 -34.80 -11.23 23.00
N ASP B 609 -34.83 -10.17 23.80
CA ASP B 609 -34.48 -10.23 25.25
C ASP B 609 -33.10 -10.85 25.54
N MET B 610 -32.28 -11.03 24.49
CA MET B 610 -31.01 -11.75 24.62
C MET B 610 -29.79 -10.84 24.55
N ASN B 611 -28.82 -11.17 25.41
CA ASN B 611 -27.87 -10.21 26.00
C ASN B 611 -27.35 -9.07 25.15
N PRO B 612 -27.36 -7.84 25.67
CA PRO B 612 -26.71 -6.73 25.01
C PRO B 612 -25.18 -6.83 25.04
N ALA B 613 -24.63 -7.58 26.01
CA ALA B 613 -23.19 -7.79 26.09
C ALA B 613 -22.71 -8.94 25.22
N LEU B 614 -23.62 -9.83 24.82
CA LEU B 614 -23.21 -11.04 24.11
C LEU B 614 -23.43 -10.98 22.60
N ILE B 615 -23.96 -9.86 22.11
CA ILE B 615 -24.27 -9.69 20.67
C ILE B 615 -23.04 -9.83 19.79
N ILE B 616 -21.93 -9.23 20.26
CA ILE B 616 -20.72 -9.09 19.48
C ILE B 616 -20.12 -10.45 19.24
N TRP B 617 -20.06 -11.26 20.30
CA TRP B 617 -19.67 -12.67 20.17
C TRP B 617 -20.63 -13.49 19.27
N LYS B 618 -21.94 -13.23 19.36
CA LYS B 618 -22.93 -13.92 18.50
C LYS B 618 -22.73 -13.59 17.03
N GLY B 619 -22.38 -12.34 16.73
CA GLY B 619 -22.13 -11.93 15.34
C GLY B 619 -20.93 -12.61 14.71
N ALA B 620 -19.84 -12.71 15.48
CA ALA B 620 -18.66 -13.46 15.08
C ALA B 620 -19.01 -14.93 14.93
N SER B 621 -19.89 -15.42 15.81
CA SER B 621 -20.51 -16.74 15.68
C SER B 621 -21.21 -16.90 14.34
N VAL B 622 -22.05 -15.93 13.97
CA VAL B 622 -22.71 -15.88 12.66
C VAL B 622 -21.70 -16.05 11.51
N LEU B 623 -20.71 -15.17 11.50
CA LEU B 623 -19.66 -15.15 10.49
C LEU B 623 -18.96 -16.52 10.39
N ALA B 624 -18.54 -17.06 11.55
CA ALA B 624 -17.76 -18.31 11.61
C ALA B 624 -18.44 -19.53 10.97
N GLN B 625 -19.71 -19.35 10.62
CA GLN B 625 -20.57 -20.43 10.14
C GLN B 625 -20.99 -20.16 8.69
N ILE B 626 -20.96 -18.88 8.30
CA ILE B 626 -21.19 -18.46 6.91
C ILE B 626 -19.96 -18.84 6.06
N LYS B 627 -20.12 -18.86 4.73
CA LYS B 627 -19.08 -19.34 3.81
C LYS B 627 -17.93 -18.36 3.57
N LEU B 628 -18.11 -17.13 4.03
CA LEU B 628 -17.16 -16.05 3.83
C LEU B 628 -15.87 -16.20 4.66
N VAL B 629 -16.00 -16.59 5.93
CA VAL B 629 -14.81 -16.89 6.76
C VAL B 629 -13.79 -17.73 6.00
N GLU B 630 -14.30 -18.62 5.13
CA GLU B 630 -13.48 -19.65 4.50
C GLU B 630 -12.26 -19.08 3.79
N GLU B 631 -12.31 -17.82 3.39
CA GLU B 631 -11.15 -17.17 2.76
C GLU B 631 -10.62 -15.99 3.54
N LEU B 632 -11.04 -15.85 4.79
CA LEU B 632 -10.54 -14.77 5.63
C LEU B 632 -9.63 -15.33 6.73
N PHE B 633 -9.54 -16.66 6.79
CA PHE B 633 -8.67 -17.34 7.75
C PHE B 633 -7.22 -17.25 7.33
N ILE B 634 -6.46 -16.44 8.05
CA ILE B 634 -5.03 -16.34 7.86
C ILE B 634 -4.43 -17.62 8.43
N THR B 635 -4.13 -18.57 7.55
CA THR B 635 -3.65 -19.89 7.98
C THR B 635 -2.23 -19.82 8.53
N ASN B 636 -1.77 -20.92 9.10
CA ASN B 636 -0.44 -20.95 9.70
C ASN B 636 0.69 -20.75 8.70
N SER B 637 0.52 -21.22 7.47
CA SER B 637 1.55 -21.10 6.44
C SER B 637 1.47 -19.75 5.76
N ASP B 638 0.24 -19.28 5.52
CA ASP B 638 -0.02 -17.90 5.09
C ASP B 638 0.87 -16.94 5.86
N TRP B 639 0.84 -17.07 7.18
CA TRP B 639 1.48 -16.12 8.08
C TRP B 639 2.98 -16.27 8.17
N ASP B 640 3.47 -17.50 8.03
CA ASP B 640 4.90 -17.76 8.05
C ASP B 640 5.58 -17.48 6.71
N VAL B 641 4.77 -17.33 5.67
CA VAL B 641 5.20 -16.89 4.32
C VAL B 641 5.19 -15.35 4.15
N HIS B 642 4.03 -14.72 4.42
CA HIS B 642 3.84 -13.28 4.15
C HIS B 642 3.89 -12.34 5.36
N GLY B 643 3.86 -12.88 6.58
CA GLY B 643 3.83 -12.00 7.76
C GLY B 643 2.58 -11.17 7.67
N SER B 644 2.61 -9.93 8.16
CA SER B 644 1.36 -9.13 8.20
C SER B 644 0.84 -8.68 6.81
N ARG B 645 1.63 -8.90 5.77
CA ARG B 645 1.19 -8.56 4.44
C ARG B 645 -0.14 -9.23 4.05
N ILE B 646 -0.42 -10.44 4.58
CA ILE B 646 -1.67 -11.12 4.24
C ILE B 646 -2.88 -10.32 4.66
N LEU B 647 -2.70 -9.47 5.65
CA LEU B 647 -3.82 -8.66 6.09
C LEU B 647 -4.24 -7.65 5.00
N GLN B 648 -3.39 -7.48 4.00
CA GLN B 648 -3.80 -6.76 2.80
C GLN B 648 -4.70 -7.62 1.87
N TYR B 649 -4.48 -8.93 1.86
CA TYR B 649 -5.23 -9.81 0.98
C TYR B 649 -6.43 -10.53 1.62
N LYS B 650 -6.23 -11.13 2.79
CA LYS B 650 -7.32 -11.82 3.46
C LYS B 650 -7.85 -11.00 4.62
N CYS B 651 -8.93 -10.25 4.36
CA CYS B 651 -9.48 -9.36 5.37
C CYS B 651 -10.87 -8.88 5.02
N ILE B 652 -11.70 -8.81 6.05
CA ILE B 652 -13.11 -8.45 5.90
C ILE B 652 -13.25 -6.93 5.84
N PHE B 653 -12.13 -6.23 5.97
CA PHE B 653 -12.13 -4.78 5.89
C PHE B 653 -10.79 -4.34 5.39
N THR B 654 -10.72 -3.11 4.87
CA THR B 654 -9.49 -2.55 4.33
C THR B 654 -8.46 -2.31 5.42
N TYR B 655 -7.62 -3.30 5.64
CA TYR B 655 -6.68 -3.30 6.78
C TYR B 655 -5.72 -2.12 6.70
#